data_5T2G
#
_entry.id   5T2G
#
_cell.length_a   64.590
_cell.length_b   142.160
_cell.length_c   221.570
_cell.angle_alpha   90.00
_cell.angle_beta   90.00
_cell.angle_gamma   90.00
#
_symmetry.space_group_name_H-M   'C 2 2 21'
#
loop_
_entity.id
_entity.type
_entity.pdbx_description
1 polymer 'Phosphatidylinositol 4,5-bisphosphate 3-kinase catalytic subunit delta isoform'
2 non-polymer 4-[3-azanyl-6-[1-methyl-5-(1-phenylcyclopropyl)-1,2,4-triazol-3-yl]pyrazin-2-yl]pyrazole-1-carboxamide
3 water water
#
_entity_poly.entity_id   1
_entity_poly.type   'polypeptide(L)'
_entity_poly.pdbx_seq_one_letter_code
;GDRVKKLINSQISLLIGKGLHEFDSLRDPEVNDFRTKMRQFCEEAAAHRQQLGWVEWLQYSFPLQLEPSARGWRAGLLRV
SNRALLVNVKFEGSEESFTFQVSTKDMPLALMACALRKKATVFRQPLVEQPEEYALQVNGRHEYLYGNYPLCHFQYICSC
LHSGLTPHLTMVHSSSILAMRDEQSNPAPQVQKPRAKPPPIPAKKPSSVSLWSLEQPFSIELIEGRKVNADERMKLVVQA
GLFHGNEMLCKTVSSSEVNVCSEPVWKQRLEFDISVCDLPRMARLCFALYAVVEKAKKARSTKKKSKKADCPIAWANLML
FDYKDQLKTGERCLYMWPSVPDEKGELLNPAGTVRGNPNTESAAALVIYLPEVAPHPVYFPALEKILELGRHGERGRITE
EEQLQLREILERRGSGELYEHEKDLVWKMRHEVQEHFPEALARLLLVTKWNKHEDVAQMLYLLCSWPELPVLSALELLDF
SFPDCYVGSFAIKSLRKLTDDELFQYLLQLVQVLKYESYLDCELTKFLLGRALANRKIGHFLFWHLRSEMHVPSVALRFG
LIMEAYCRGSTHHMKVLMKQGEALSKLKALNDFVKVSSQKTTKPQTKEMMHMCMRQETYMEALSHLQSPLDPSTLLEEVC
VEQCTFMDSKMKPLWIMYSSEEAGSAGNVGIIFKNGDDLRQDMLTLQMIQLMDVLWKQEGLDLRMTPYGCLPTGDRTGLI
EVVLHSDTIANIQLNKSNMAATAAFNKDALLNWLKSKNPGEALDRAIEEFTLSCAGYCVATYVLGIGDRHSDNIMIRESG
QLFHIDFGHFLGNFKTKFGINRERVPFILTYDFVHVIQQGKTNNSEKFERFRGYCERAYTILRRHGLLFLHLFALMRAAG
LPELSCSKDIQYLKDSLALGKTEEEALKHFRVKFNEALRESWKTKVNWLAHNVSKDNRQ
;
_entity_poly.pdbx_strand_id   A
#
loop_
_chem_comp.id
_chem_comp.type
_chem_comp.name
_chem_comp.formula
74K non-polymer 4-[3-azanyl-6-[1-methyl-5-(1-phenylcyclopropyl)-1,2,4-triazol-3-yl]pyrazin-2-yl]pyrazole-1-carboxamide 'C20 H19 N9 O'
#
# COMPACT_ATOMS: atom_id res chain seq x y z
N VAL A 4 2.46 0.37 35.21
CA VAL A 4 2.23 1.34 34.13
C VAL A 4 3.23 1.11 32.99
N LYS A 5 4.54 1.25 33.27
CA LYS A 5 5.63 1.03 32.30
C LYS A 5 5.66 -0.44 31.84
N LYS A 6 5.27 -1.38 32.72
CA LYS A 6 5.17 -2.82 32.48
C LYS A 6 3.92 -3.15 31.67
N LEU A 7 2.75 -2.58 32.03
CA LEU A 7 1.48 -2.79 31.34
C LEU A 7 1.58 -2.39 29.86
N ILE A 8 2.22 -1.22 29.55
CA ILE A 8 2.44 -0.73 28.18
C ILE A 8 3.28 -1.76 27.40
N ASN A 9 4.27 -2.38 28.10
CA ASN A 9 5.13 -3.40 27.51
C ASN A 9 4.34 -4.65 27.18
N SER A 10 3.37 -5.03 28.04
CA SER A 10 2.51 -6.19 27.80
C SER A 10 1.43 -5.85 26.76
N GLN A 11 1.04 -4.57 26.66
CA GLN A 11 0.07 -4.09 25.68
C GLN A 11 0.67 -4.15 24.26
N ILE A 12 1.94 -3.67 24.09
CA ILE A 12 2.67 -3.71 22.80
C ILE A 12 2.86 -5.14 22.32
N SER A 13 3.29 -6.03 23.21
CA SER A 13 3.50 -7.46 22.94
C SER A 13 2.27 -8.09 22.29
N LEU A 14 1.10 -8.01 22.99
CA LEU A 14 -0.19 -8.48 22.51
C LEU A 14 -0.62 -7.82 21.18
N LEU A 15 -0.39 -6.50 21.05
CA LEU A 15 -0.77 -5.75 19.86
C LEU A 15 0.05 -6.09 18.60
N ILE A 16 1.37 -6.15 18.72
CA ILE A 16 2.23 -6.41 17.57
C ILE A 16 2.29 -7.91 17.26
N GLY A 17 1.71 -8.71 18.17
CA GLY A 17 1.65 -10.17 18.08
C GLY A 17 3.00 -10.84 18.19
N LYS A 18 3.88 -10.33 19.09
CA LYS A 18 5.22 -10.85 19.37
C LYS A 18 5.76 -10.21 20.66
N GLY A 19 5.95 -11.04 21.68
CA GLY A 19 6.48 -10.61 22.98
C GLY A 19 7.77 -9.82 22.88
N LEU A 20 7.88 -8.70 23.65
CA LEU A 20 9.06 -7.83 23.66
C LEU A 20 10.26 -8.51 24.31
N HIS A 21 10.00 -9.59 25.06
CA HIS A 21 11.00 -10.45 25.70
C HIS A 21 11.87 -11.16 24.65
N GLU A 22 11.28 -11.46 23.47
CA GLU A 22 11.91 -12.15 22.33
C GLU A 22 13.05 -11.34 21.70
N PHE A 23 12.91 -10.00 21.63
CA PHE A 23 13.91 -9.10 21.05
C PHE A 23 15.20 -9.09 21.89
N ASP A 24 15.06 -9.05 23.22
CA ASP A 24 16.18 -9.09 24.16
C ASP A 24 16.84 -10.47 24.20
N SER A 25 16.04 -11.56 24.05
CA SER A 25 16.52 -12.95 24.07
C SER A 25 17.54 -13.25 22.96
N LEU A 26 17.53 -12.47 21.86
CA LEU A 26 18.47 -12.61 20.76
C LEU A 26 19.84 -12.03 21.17
N ARG A 27 19.84 -11.10 22.17
CA ARG A 27 21.01 -10.39 22.74
C ARG A 27 21.81 -9.58 21.68
N ASP A 28 21.21 -9.38 20.48
CA ASP A 28 21.77 -8.66 19.33
C ASP A 28 21.98 -7.17 19.63
N PRO A 29 23.20 -6.61 19.47
CA PRO A 29 23.38 -5.17 19.73
C PRO A 29 22.72 -4.28 18.68
N GLU A 30 22.46 -4.80 17.44
CA GLU A 30 21.81 -4.03 16.38
C GLU A 30 20.35 -3.77 16.72
N VAL A 31 19.62 -4.84 17.16
CA VAL A 31 18.22 -4.84 17.61
C VAL A 31 18.14 -3.90 18.83
N ASN A 32 19.14 -3.99 19.75
CA ASN A 32 19.22 -3.17 20.96
C ASN A 32 19.48 -1.71 20.66
N ASP A 33 20.27 -1.41 19.61
CA ASP A 33 20.58 -0.04 19.21
C ASP A 33 19.40 0.66 18.53
N PHE A 34 18.68 -0.06 17.63
CA PHE A 34 17.49 0.41 16.94
C PHE A 34 16.39 0.75 17.95
N ARG A 35 16.15 -0.15 18.94
CA ARG A 35 15.10 -0.01 19.96
C ARG A 35 15.24 1.23 20.82
N THR A 36 16.46 1.52 21.32
CA THR A 36 16.74 2.67 22.19
C THR A 36 16.67 3.97 21.41
N LYS A 37 17.32 4.01 20.24
CA LYS A 37 17.38 5.17 19.37
C LYS A 37 15.99 5.53 18.82
N MET A 38 15.25 4.53 18.30
CA MET A 38 13.93 4.78 17.77
C MET A 38 12.91 5.07 18.85
N ARG A 39 13.01 4.43 20.05
CA ARG A 39 12.13 4.74 21.19
C ARG A 39 12.23 6.24 21.52
N GLN A 40 13.48 6.74 21.65
CA GLN A 40 13.81 8.13 21.95
C GLN A 40 13.33 9.06 20.84
N PHE A 41 13.57 8.68 19.56
CA PHE A 41 13.11 9.44 18.39
C PHE A 41 11.59 9.62 18.42
N CYS A 42 10.87 8.54 18.77
CA CYS A 42 9.42 8.53 18.74
C CYS A 42 8.82 9.27 19.92
N GLU A 43 9.53 9.28 21.07
CA GLU A 43 9.14 9.99 22.28
C GLU A 43 9.28 11.52 22.13
N GLU A 44 10.27 11.98 21.32
CA GLU A 44 10.46 13.42 21.01
C GLU A 44 9.32 13.89 20.10
N ALA A 45 8.87 13.04 19.14
CA ALA A 45 7.75 13.33 18.23
C ALA A 45 6.46 13.44 19.01
N ALA A 46 6.26 12.55 19.98
CA ALA A 46 5.14 12.53 20.90
C ALA A 46 5.07 13.82 21.73
N ALA A 47 6.25 14.34 22.16
CA ALA A 47 6.45 15.53 22.97
C ALA A 47 6.08 16.81 22.24
N HIS A 48 6.56 16.98 20.98
CA HIS A 48 6.26 18.12 20.11
C HIS A 48 4.76 18.17 19.82
N ARG A 49 4.13 17.00 19.78
CA ARG A 49 2.71 16.82 19.51
C ARG A 49 1.84 17.31 20.64
N GLN A 50 2.21 16.98 21.88
CA GLN A 50 1.43 17.38 23.06
C GLN A 50 1.45 18.88 23.33
N GLN A 51 2.25 19.64 22.56
CA GLN A 51 2.36 21.09 22.67
C GLN A 51 1.82 21.84 21.44
N LEU A 52 1.43 21.09 20.36
CA LEU A 52 0.88 21.66 19.12
C LEU A 52 -0.32 22.55 19.44
N GLY A 53 -0.61 23.52 18.58
CA GLY A 53 -1.78 24.37 18.73
C GLY A 53 -3.03 23.54 18.53
N TRP A 54 -4.22 24.09 18.83
CA TRP A 54 -5.43 23.27 18.65
C TRP A 54 -5.67 22.92 17.17
N VAL A 55 -5.38 23.84 16.25
CA VAL A 55 -5.54 23.62 14.81
C VAL A 55 -4.54 22.55 14.33
N GLU A 56 -3.29 22.60 14.80
CA GLU A 56 -2.25 21.65 14.43
C GLU A 56 -2.55 20.22 14.91
N TRP A 57 -3.33 20.09 16.01
CA TRP A 57 -3.83 18.82 16.54
C TRP A 57 -4.96 18.31 15.65
N LEU A 58 -5.68 19.21 14.95
CA LEU A 58 -6.73 18.77 14.03
C LEU A 58 -6.07 18.22 12.79
N GLN A 59 -4.98 18.87 12.31
CA GLN A 59 -4.20 18.42 11.15
C GLN A 59 -3.49 17.09 11.43
N TYR A 60 -3.19 16.79 12.72
CA TYR A 60 -2.54 15.54 13.07
C TYR A 60 -3.57 14.41 13.20
N SER A 61 -4.53 14.58 14.14
CA SER A 61 -5.55 13.61 14.53
C SER A 61 -6.66 13.43 13.49
N PHE A 62 -7.08 14.53 12.84
CA PHE A 62 -8.15 14.56 11.84
C PHE A 62 -7.64 15.25 10.54
N PRO A 63 -6.62 14.73 9.81
CA PRO A 63 -6.20 15.43 8.58
C PRO A 63 -7.33 15.55 7.57
N LEU A 64 -7.41 16.70 6.90
CA LEU A 64 -8.46 16.99 5.92
C LEU A 64 -8.54 16.04 4.75
N GLN A 65 -9.76 15.60 4.45
CA GLN A 65 -10.05 14.75 3.31
C GLN A 65 -10.58 15.64 2.19
N LEU A 66 -9.67 16.05 1.30
CA LEU A 66 -9.92 16.98 0.19
C LEU A 66 -10.04 16.29 -1.17
N GLU A 67 -10.90 16.85 -2.04
CA GLU A 67 -11.13 16.37 -3.39
C GLU A 67 -9.91 16.64 -4.27
N PRO A 68 -9.49 15.64 -5.11
CA PRO A 68 -8.29 15.84 -5.96
C PRO A 68 -8.29 17.07 -6.89
N ASN A 82 -21.28 28.91 -6.34
CA ASN A 82 -21.34 27.84 -7.31
C ASN A 82 -22.77 27.25 -7.37
N ARG A 83 -23.09 26.30 -6.47
CA ARG A 83 -24.40 25.64 -6.39
C ARG A 83 -24.86 25.57 -4.93
N ALA A 84 -26.16 25.83 -4.69
CA ALA A 84 -26.77 25.83 -3.36
C ALA A 84 -26.92 24.44 -2.75
N LEU A 85 -26.89 24.37 -1.40
CA LEU A 85 -27.04 23.13 -0.63
C LEU A 85 -27.59 23.38 0.77
N LEU A 86 -28.20 22.36 1.39
CA LEU A 86 -28.73 22.39 2.75
C LEU A 86 -27.73 21.68 3.68
N VAL A 87 -27.34 22.33 4.79
CA VAL A 87 -26.41 21.77 5.78
C VAL A 87 -27.05 21.88 7.18
N ASN A 88 -26.91 20.84 8.01
CA ASN A 88 -27.44 20.83 9.37
C ASN A 88 -26.33 21.00 10.40
N VAL A 89 -26.37 22.11 11.17
CA VAL A 89 -25.37 22.43 12.19
C VAL A 89 -25.96 22.43 13.59
N LYS A 90 -25.31 21.70 14.48
CA LYS A 90 -25.65 21.64 15.89
C LYS A 90 -24.38 21.98 16.71
N PHE A 91 -24.47 21.92 18.05
CA PHE A 91 -23.34 22.21 18.94
C PHE A 91 -23.13 21.01 19.84
N GLU A 92 -21.91 20.83 20.38
CA GLU A 92 -21.49 19.68 21.19
C GLU A 92 -22.43 19.31 22.37
N GLY A 93 -22.86 20.30 23.16
CA GLY A 93 -23.70 20.07 24.34
C GLY A 93 -25.16 20.42 24.21
N SER A 94 -25.85 19.84 23.18
CA SER A 94 -27.27 20.06 22.87
C SER A 94 -27.75 19.16 21.71
N GLU A 95 -29.07 18.91 21.64
CA GLU A 95 -29.73 18.15 20.58
C GLU A 95 -30.21 19.12 19.51
N GLU A 96 -30.43 20.40 19.91
CA GLU A 96 -30.89 21.52 19.08
C GLU A 96 -29.96 21.76 17.88
N SER A 97 -30.56 21.82 16.68
CA SER A 97 -29.86 22.06 15.42
C SER A 97 -30.54 23.14 14.57
N PHE A 98 -29.82 23.61 13.55
CA PHE A 98 -30.30 24.62 12.60
C PHE A 98 -29.93 24.15 11.20
N THR A 99 -30.87 24.26 10.24
CA THR A 99 -30.61 23.89 8.85
C THR A 99 -30.55 25.16 7.99
N PHE A 100 -29.36 25.40 7.38
CA PHE A 100 -29.00 26.55 6.57
C PHE A 100 -28.97 26.19 5.07
N GLN A 101 -29.26 27.17 4.21
CA GLN A 101 -29.26 27.05 2.75
C GLN A 101 -28.02 27.82 2.29
N VAL A 102 -26.84 27.17 2.38
CA VAL A 102 -25.53 27.75 2.03
C VAL A 102 -25.09 27.40 0.58
N SER A 103 -23.86 27.81 0.22
CA SER A 103 -23.27 27.57 -1.09
C SER A 103 -21.99 26.75 -1.01
N THR A 104 -21.75 25.96 -2.07
CA THR A 104 -20.56 25.13 -2.23
C THR A 104 -19.26 25.97 -2.34
N LYS A 105 -19.38 27.30 -2.59
CA LYS A 105 -18.25 28.23 -2.69
C LYS A 105 -17.90 28.90 -1.33
N ASP A 106 -18.72 28.64 -0.29
CA ASP A 106 -18.52 29.18 1.07
C ASP A 106 -17.50 28.35 1.84
N MET A 107 -16.63 29.03 2.60
CA MET A 107 -15.61 28.37 3.42
C MET A 107 -16.28 27.87 4.68
N PRO A 108 -15.73 26.87 5.43
CA PRO A 108 -16.36 26.47 6.70
C PRO A 108 -16.62 27.62 7.69
N LEU A 109 -15.68 28.59 7.74
CA LEU A 109 -15.68 29.79 8.61
C LEU A 109 -16.96 30.65 8.49
N ALA A 110 -17.50 30.80 7.27
CA ALA A 110 -18.76 31.53 7.04
C ALA A 110 -19.94 30.76 7.61
N LEU A 111 -19.94 29.42 7.47
CA LEU A 111 -20.99 28.52 7.99
C LEU A 111 -20.92 28.52 9.51
N MET A 112 -19.70 28.67 10.07
CA MET A 112 -19.43 28.70 11.50
C MET A 112 -19.92 30.00 12.10
N ALA A 113 -19.89 31.09 11.29
CA ALA A 113 -20.37 32.42 11.68
C ALA A 113 -21.90 32.42 11.73
N CYS A 114 -22.57 31.85 10.70
CA CYS A 114 -24.02 31.71 10.60
C CYS A 114 -24.56 30.90 11.77
N ALA A 115 -23.82 29.86 12.17
CA ALA A 115 -24.14 28.95 13.26
C ALA A 115 -24.06 29.64 14.62
N LEU A 116 -23.07 30.55 14.81
CA LEU A 116 -22.85 31.31 16.02
C LEU A 116 -23.85 32.46 16.18
N ARG A 117 -24.39 32.98 15.05
CA ARG A 117 -25.40 34.04 15.04
C ARG A 117 -26.74 33.41 15.40
N LYS A 118 -27.07 32.25 14.78
CA LYS A 118 -28.30 31.50 15.03
C LYS A 118 -28.36 31.00 16.48
N LYS A 119 -27.18 30.79 17.11
CA LYS A 119 -27.08 30.40 18.52
C LYS A 119 -27.45 31.61 19.40
N ALA A 120 -26.86 32.79 19.11
CA ALA A 120 -27.08 34.07 19.81
C ALA A 120 -28.55 34.53 19.81
N THR A 121 -29.31 34.27 18.72
CA THR A 121 -30.72 34.68 18.58
C THR A 121 -31.66 33.72 19.32
N VAL A 122 -31.24 32.45 19.52
CA VAL A 122 -32.02 31.45 20.24
C VAL A 122 -31.73 31.58 21.75
N PHE A 123 -30.43 31.74 22.09
CA PHE A 123 -29.91 31.85 23.46
C PHE A 123 -29.82 33.30 23.99
N ARG A 124 -30.44 34.25 23.26
CA ARG A 124 -30.54 35.69 23.58
C ARG A 124 -29.21 36.36 23.99
N GLN A 125 -28.09 35.94 23.33
CA GLN A 125 -26.70 36.39 23.54
C GLN A 125 -26.25 36.29 25.00
N GLN A 130 -16.86 33.95 18.52
CA GLN A 130 -15.90 34.16 17.44
C GLN A 130 -15.72 32.88 16.59
N PRO A 131 -15.85 32.95 15.23
CA PRO A 131 -15.76 31.72 14.41
C PRO A 131 -14.40 31.02 14.37
N GLU A 132 -13.32 31.77 14.58
CA GLU A 132 -11.93 31.30 14.57
C GLU A 132 -11.60 30.37 15.75
N GLU A 133 -12.54 30.20 16.69
CA GLU A 133 -12.42 29.37 17.89
C GLU A 133 -13.10 28.00 17.73
N TYR A 134 -13.56 27.69 16.52
CA TYR A 134 -14.28 26.45 16.26
C TYR A 134 -13.77 25.64 15.06
N ALA A 135 -14.18 24.37 15.04
CA ALA A 135 -13.97 23.42 13.94
C ALA A 135 -15.31 22.70 13.74
N LEU A 136 -15.65 22.36 12.50
CA LEU A 136 -16.87 21.65 12.16
C LEU A 136 -16.59 20.15 12.09
N GLN A 137 -17.06 19.39 13.07
CA GLN A 137 -16.86 17.95 13.05
C GLN A 137 -17.94 17.30 12.22
N VAL A 138 -17.58 16.28 11.39
CA VAL A 138 -18.56 15.50 10.64
C VAL A 138 -19.23 14.60 11.70
N ASN A 139 -20.56 14.69 11.81
CA ASN A 139 -21.36 13.96 12.81
C ASN A 139 -21.10 12.46 12.83
N GLY A 140 -20.72 11.98 14.02
CA GLY A 140 -20.43 10.58 14.30
C GLY A 140 -19.27 10.01 13.50
N ARG A 141 -18.30 10.87 13.16
CA ARG A 141 -17.11 10.52 12.37
C ARG A 141 -15.86 11.17 12.92
N HIS A 142 -14.70 10.52 12.70
CA HIS A 142 -13.40 11.10 13.06
C HIS A 142 -12.88 11.89 11.84
N GLU A 143 -13.69 12.87 11.42
CA GLU A 143 -13.49 13.74 10.27
C GLU A 143 -13.93 15.13 10.70
N TYR A 144 -13.25 16.18 10.18
CA TYR A 144 -13.53 17.58 10.46
C TYR A 144 -13.42 18.42 9.16
N LEU A 145 -14.04 19.61 9.20
CA LEU A 145 -14.09 20.62 8.14
C LEU A 145 -13.60 21.94 8.75
N TYR A 146 -12.38 22.35 8.32
CA TYR A 146 -11.64 23.54 8.77
C TYR A 146 -10.66 23.96 7.63
N GLY A 147 -10.06 25.15 7.74
CA GLY A 147 -9.16 25.71 6.72
C GLY A 147 -9.88 26.51 5.64
N ASN A 148 -9.13 27.32 4.85
CA ASN A 148 -9.71 28.15 3.80
C ASN A 148 -9.90 27.37 2.49
N TYR A 149 -10.96 26.56 2.45
CA TYR A 149 -11.32 25.77 1.28
C TYR A 149 -12.84 25.83 1.07
N PRO A 150 -13.34 26.02 -0.18
CA PRO A 150 -14.81 26.01 -0.38
C PRO A 150 -15.36 24.63 -0.05
N LEU A 151 -16.58 24.58 0.49
CA LEU A 151 -17.21 23.35 0.93
C LEU A 151 -17.14 22.17 -0.07
N CYS A 152 -17.35 22.40 -1.39
CA CYS A 152 -17.29 21.33 -2.40
C CYS A 152 -15.90 20.66 -2.56
N HIS A 153 -14.84 21.27 -1.98
CA HIS A 153 -13.49 20.69 -2.01
C HIS A 153 -13.33 19.61 -0.91
N PHE A 154 -14.34 19.45 -0.03
CA PHE A 154 -14.35 18.47 1.05
C PHE A 154 -15.08 17.20 0.66
N GLN A 155 -14.39 16.05 0.81
CA GLN A 155 -14.89 14.70 0.51
C GLN A 155 -16.27 14.37 1.11
N TYR A 156 -16.58 14.86 2.32
CA TYR A 156 -17.89 14.63 2.96
C TYR A 156 -18.99 15.42 2.27
N ILE A 157 -18.69 16.66 1.83
CA ILE A 157 -19.65 17.51 1.14
C ILE A 157 -20.00 16.86 -0.23
N CYS A 158 -18.99 16.42 -1.00
CA CYS A 158 -19.19 15.74 -2.28
C CYS A 158 -19.98 14.42 -2.17
N SER A 159 -19.72 13.62 -1.12
CA SER A 159 -20.44 12.37 -0.84
C SER A 159 -21.92 12.63 -0.43
N CYS A 160 -22.24 13.88 -0.08
CA CYS A 160 -23.58 14.34 0.28
C CYS A 160 -24.26 14.90 -0.98
N LEU A 161 -23.53 15.73 -1.76
CA LEU A 161 -24.02 16.33 -3.02
C LEU A 161 -24.30 15.27 -4.09
N HIS A 162 -23.61 14.11 -4.02
CA HIS A 162 -23.76 13.01 -4.98
C HIS A 162 -24.89 12.05 -4.63
N SER A 163 -24.93 11.59 -3.36
CA SER A 163 -25.95 10.66 -2.87
C SER A 163 -27.33 11.32 -2.71
N GLY A 164 -27.35 12.61 -2.39
CA GLY A 164 -28.57 13.38 -2.16
C GLY A 164 -28.88 13.55 -0.69
N LEU A 165 -27.83 13.48 0.15
CA LEU A 165 -27.92 13.61 1.60
C LEU A 165 -27.59 15.04 2.07
N THR A 166 -28.06 15.41 3.28
CA THR A 166 -27.84 16.72 3.90
C THR A 166 -26.68 16.58 4.91
N PRO A 167 -25.53 17.28 4.71
CA PRO A 167 -24.42 17.17 5.68
C PRO A 167 -24.79 17.56 7.11
N HIS A 168 -24.43 16.72 8.07
CA HIS A 168 -24.65 16.99 9.48
C HIS A 168 -23.28 17.23 10.14
N LEU A 169 -23.09 18.43 10.72
CA LEU A 169 -21.82 18.85 11.32
C LEU A 169 -22.07 19.45 12.68
N THR A 170 -21.11 19.29 13.59
CA THR A 170 -21.18 19.80 14.96
C THR A 170 -20.08 20.79 15.15
N MET A 171 -20.41 21.91 15.78
CA MET A 171 -19.47 22.97 16.11
C MET A 171 -18.70 22.55 17.34
N VAL A 172 -17.40 22.31 17.17
CA VAL A 172 -16.52 21.90 18.26
C VAL A 172 -15.56 23.06 18.55
N HIS A 173 -15.65 23.58 19.79
CA HIS A 173 -14.84 24.69 20.30
C HIS A 173 -13.40 24.25 20.52
N SER A 174 -12.47 25.23 20.57
CA SER A 174 -11.04 25.06 20.82
C SER A 174 -10.70 24.28 22.10
N SER A 175 -11.45 24.53 23.20
CA SER A 175 -11.28 23.88 24.51
C SER A 175 -11.56 22.36 24.52
N SER A 176 -12.57 21.92 23.74
CA SER A 176 -12.95 20.52 23.63
C SER A 176 -11.92 19.71 22.81
N ILE A 177 -11.22 20.36 21.85
CA ILE A 177 -10.17 19.77 21.01
C ILE A 177 -8.89 19.66 21.85
N LEU A 178 -8.62 20.69 22.70
CA LEU A 178 -7.46 20.71 23.60
C LEU A 178 -7.58 19.66 24.69
N ALA A 179 -8.81 19.41 25.16
CA ALA A 179 -9.13 18.37 26.15
C ALA A 179 -8.83 17.00 25.55
N MET A 180 -9.11 16.81 24.23
CA MET A 180 -8.83 15.57 23.48
C MET A 180 -7.31 15.35 23.47
N ARG A 181 -6.55 16.40 23.05
CA ARG A 181 -5.10 16.41 22.97
C ARG A 181 -4.51 15.97 24.30
N ASP A 182 -4.91 16.63 25.40
CA ASP A 182 -4.46 16.36 26.78
C ASP A 182 -4.80 14.97 27.29
N GLU A 183 -6.00 14.46 26.99
CA GLU A 183 -6.45 13.12 27.42
C GLU A 183 -5.77 11.98 26.63
N GLN A 184 -5.02 12.33 25.57
CA GLN A 184 -4.30 11.38 24.69
C GLN A 184 -2.76 11.50 24.77
N SER A 185 -2.24 12.02 25.91
CA SER A 185 -0.80 12.16 26.18
C SER A 185 -0.25 10.81 26.63
N ASN A 186 1.09 10.63 26.56
CA ASN A 186 1.79 9.40 26.94
C ASN A 186 1.92 9.23 28.46
N LEU A 211 40.15 -0.88 4.25
CA LEU A 211 40.36 0.41 3.58
C LEU A 211 41.20 0.27 2.28
N TRP A 212 41.58 1.42 1.67
CA TRP A 212 42.38 1.53 0.43
C TRP A 212 43.74 0.79 0.51
N SER A 213 44.32 0.70 1.73
CA SER A 213 45.59 0.03 2.01
C SER A 213 45.53 -1.52 1.86
N LEU A 214 44.35 -2.06 1.56
CA LEU A 214 44.10 -3.49 1.38
C LEU A 214 43.89 -3.80 -0.10
N GLU A 215 44.95 -4.23 -0.79
CA GLU A 215 44.91 -4.51 -2.23
C GLU A 215 44.70 -6.02 -2.60
N GLN A 216 44.67 -6.93 -1.59
CA GLN A 216 44.49 -8.37 -1.79
C GLN A 216 43.09 -8.76 -2.34
N PRO A 217 42.95 -9.90 -3.06
CA PRO A 217 41.61 -10.29 -3.55
C PRO A 217 40.74 -10.89 -2.45
N PHE A 218 39.42 -10.54 -2.44
CA PHE A 218 38.43 -11.00 -1.47
C PHE A 218 38.23 -12.51 -1.50
N SER A 219 38.22 -13.14 -0.31
CA SER A 219 38.05 -14.59 -0.18
C SER A 219 37.40 -15.01 1.15
N ILE A 220 36.75 -16.19 1.14
CA ILE A 220 36.11 -16.82 2.30
C ILE A 220 36.46 -18.31 2.39
N GLU A 221 36.38 -18.89 3.60
CA GLU A 221 36.61 -20.33 3.85
C GLU A 221 35.23 -20.99 4.06
N LEU A 222 34.74 -21.77 3.08
CA LEU A 222 33.46 -22.49 3.18
C LEU A 222 33.72 -23.82 3.93
N ILE A 223 33.44 -23.84 5.25
CA ILE A 223 33.65 -25.01 6.12
C ILE A 223 32.63 -26.16 5.81
N GLU A 224 31.49 -26.24 6.54
CA GLU A 224 30.53 -27.34 6.34
C GLU A 224 29.03 -26.91 6.40
N GLY A 225 28.12 -27.90 6.42
CA GLY A 225 26.67 -27.71 6.48
C GLY A 225 25.91 -28.80 7.24
N ARG A 226 24.56 -28.60 7.40
CA ARG A 226 23.66 -29.54 8.11
C ARG A 226 22.20 -29.45 7.58
N LYS A 227 22.02 -29.89 6.32
CA LYS A 227 20.78 -29.88 5.53
C LYS A 227 20.08 -31.25 5.40
N VAL A 228 19.06 -31.33 4.52
CA VAL A 228 18.28 -32.52 4.19
C VAL A 228 17.93 -32.55 2.69
N ASN A 229 18.27 -33.67 2.00
CA ASN A 229 18.01 -33.95 0.59
C ASN A 229 18.27 -35.43 0.24
N ALA A 230 18.10 -35.78 -1.06
CA ALA A 230 18.29 -37.11 -1.64
C ALA A 230 18.47 -36.98 -3.16
N MET A 234 23.31 -38.30 -5.62
CA MET A 234 23.55 -36.89 -5.96
C MET A 234 24.66 -36.23 -5.11
N LYS A 235 25.20 -35.11 -5.62
CA LYS A 235 26.27 -34.31 -5.02
C LYS A 235 25.77 -32.91 -4.66
N LEU A 236 26.53 -32.18 -3.82
CA LEU A 236 26.17 -30.82 -3.38
C LEU A 236 27.23 -29.78 -3.74
N VAL A 237 26.78 -28.65 -4.32
CA VAL A 237 27.60 -27.52 -4.76
C VAL A 237 27.06 -26.22 -4.14
N VAL A 238 27.93 -25.46 -3.48
CA VAL A 238 27.60 -24.17 -2.88
C VAL A 238 28.12 -23.04 -3.78
N GLN A 239 27.22 -22.45 -4.59
CA GLN A 239 27.59 -21.32 -5.47
C GLN A 239 27.47 -20.00 -4.71
N ALA A 240 28.53 -19.19 -4.77
CA ALA A 240 28.59 -17.89 -4.10
C ALA A 240 28.63 -16.78 -5.15
N GLY A 241 28.55 -15.53 -4.71
CA GLY A 241 28.55 -14.36 -5.59
C GLY A 241 28.47 -13.07 -4.82
N LEU A 242 29.24 -12.06 -5.25
CA LEU A 242 29.22 -10.75 -4.60
C LEU A 242 28.34 -9.78 -5.35
N PHE A 243 27.36 -9.20 -4.64
CA PHE A 243 26.35 -8.32 -5.23
C PHE A 243 26.25 -6.93 -4.64
N HIS A 244 26.01 -5.95 -5.53
CA HIS A 244 25.70 -4.56 -5.21
C HIS A 244 24.33 -4.36 -5.82
N GLY A 245 23.32 -4.82 -5.09
CA GLY A 245 21.94 -4.80 -5.52
C GLY A 245 21.66 -5.89 -6.52
N ASN A 246 20.95 -5.55 -7.60
CA ASN A 246 20.59 -6.50 -8.66
C ASN A 246 21.77 -6.83 -9.59
N GLU A 247 22.99 -6.38 -9.23
CA GLU A 247 24.16 -6.58 -10.09
C GLU A 247 25.40 -7.13 -9.37
N MET A 248 26.12 -8.00 -10.09
CA MET A 248 27.34 -8.67 -9.66
C MET A 248 28.53 -7.74 -9.62
N LEU A 249 29.38 -7.89 -8.60
CA LEU A 249 30.63 -7.14 -8.44
C LEU A 249 31.81 -7.93 -9.10
N CYS A 250 31.60 -9.24 -9.29
CA CYS A 250 32.47 -10.24 -9.92
C CYS A 250 31.67 -11.49 -10.29
N LYS A 251 32.28 -12.46 -10.99
CA LYS A 251 31.61 -13.69 -11.42
C LYS A 251 31.35 -14.68 -10.27
N THR A 252 30.33 -15.54 -10.46
CA THR A 252 29.83 -16.52 -9.49
C THR A 252 30.79 -17.71 -9.27
N VAL A 253 31.66 -17.62 -8.24
CA VAL A 253 32.61 -18.69 -7.94
C VAL A 253 31.89 -19.83 -7.20
N SER A 254 31.85 -21.00 -7.87
CA SER A 254 31.23 -22.23 -7.38
C SER A 254 32.18 -23.00 -6.46
N SER A 255 31.68 -24.04 -5.77
CA SER A 255 32.47 -24.87 -4.86
C SER A 255 32.74 -26.27 -5.46
N SER A 256 33.43 -27.15 -4.70
CA SER A 256 33.73 -28.52 -5.12
C SER A 256 32.53 -29.44 -4.87
N GLU A 257 32.25 -30.37 -5.82
CA GLU A 257 31.13 -31.32 -5.74
C GLU A 257 31.31 -32.33 -4.59
N VAL A 258 30.93 -31.94 -3.35
CA VAL A 258 30.99 -32.80 -2.17
C VAL A 258 29.65 -33.56 -2.04
N ASN A 259 29.70 -34.90 -1.87
CA ASN A 259 28.56 -35.82 -1.74
C ASN A 259 27.51 -35.43 -0.69
N VAL A 260 26.24 -35.82 -0.93
CA VAL A 260 25.02 -35.57 -0.13
C VAL A 260 25.20 -35.91 1.39
N CYS A 261 25.98 -36.95 1.72
CA CYS A 261 26.26 -37.44 3.09
C CYS A 261 26.67 -36.33 4.08
N PRO A 264 27.80 -32.45 5.23
CA PRO A 264 28.61 -32.10 4.05
C PRO A 264 29.74 -31.15 4.42
N VAL A 265 31.01 -31.52 4.11
CA VAL A 265 32.21 -30.72 4.45
C VAL A 265 32.96 -30.29 3.17
N TRP A 266 33.35 -29.01 3.07
CA TRP A 266 34.08 -28.47 1.91
C TRP A 266 35.49 -28.00 2.26
N LYS A 267 35.63 -27.19 3.35
CA LYS A 267 36.86 -26.60 3.87
C LYS A 267 37.73 -25.92 2.76
N GLN A 268 37.06 -25.35 1.72
CA GLN A 268 37.69 -24.70 0.56
C GLN A 268 37.80 -23.18 0.70
N ARG A 269 38.89 -22.60 0.18
CA ARG A 269 39.12 -21.16 0.19
C ARG A 269 38.65 -20.55 -1.13
N LEU A 270 37.40 -20.06 -1.14
CA LEU A 270 36.77 -19.46 -2.31
C LEU A 270 37.29 -18.06 -2.58
N GLU A 271 38.07 -17.88 -3.67
CA GLU A 271 38.64 -16.60 -4.08
C GLU A 271 37.76 -15.88 -5.10
N PHE A 272 37.47 -14.60 -4.82
CA PHE A 272 36.65 -13.72 -5.66
C PHE A 272 37.52 -12.73 -6.43
N ASP A 273 37.09 -12.39 -7.69
CA ASP A 273 37.77 -11.48 -8.62
C ASP A 273 37.52 -9.99 -8.31
N ILE A 274 37.79 -9.58 -7.05
CA ILE A 274 37.62 -8.20 -6.55
C ILE A 274 38.54 -7.92 -5.33
N SER A 275 38.99 -6.67 -5.16
CA SER A 275 39.88 -6.22 -4.07
C SER A 275 39.12 -5.72 -2.84
N VAL A 276 39.68 -5.98 -1.63
CA VAL A 276 39.14 -5.60 -0.31
C VAL A 276 39.00 -4.06 -0.16
N CYS A 277 39.81 -3.28 -0.90
CA CYS A 277 39.73 -1.82 -0.89
C CYS A 277 38.56 -1.34 -1.76
N ASP A 278 38.19 -2.16 -2.77
CA ASP A 278 37.12 -1.84 -3.72
C ASP A 278 35.80 -2.60 -3.41
N LEU A 279 35.49 -2.83 -2.13
CA LEU A 279 34.23 -3.45 -1.76
C LEU A 279 33.30 -2.29 -1.45
N PRO A 280 32.12 -2.19 -2.09
CA PRO A 280 31.21 -1.08 -1.74
C PRO A 280 30.63 -1.32 -0.36
N ARG A 281 30.25 -0.24 0.33
CA ARG A 281 29.70 -0.32 1.68
C ARG A 281 28.47 -1.21 1.76
N MET A 282 27.70 -1.29 0.68
CA MET A 282 26.48 -2.10 0.69
C MET A 282 26.72 -3.41 -0.05
N ALA A 283 27.97 -3.92 0.03
CA ALA A 283 28.37 -5.19 -0.55
C ALA A 283 27.64 -6.27 0.21
N ARG A 284 27.16 -7.24 -0.57
CA ARG A 284 26.34 -8.36 -0.17
C ARG A 284 26.97 -9.64 -0.72
N LEU A 285 27.43 -10.54 0.19
CA LEU A 285 27.92 -11.86 -0.18
C LEU A 285 26.71 -12.79 -0.10
N CYS A 286 26.32 -13.36 -1.24
CA CYS A 286 25.16 -14.21 -1.40
C CYS A 286 25.56 -15.63 -1.66
N PHE A 287 24.83 -16.58 -1.09
CA PHE A 287 25.06 -18.01 -1.26
C PHE A 287 23.83 -18.72 -1.80
N ALA A 288 24.04 -19.96 -2.27
CA ALA A 288 23.01 -20.88 -2.74
C ALA A 288 23.57 -22.28 -2.63
N LEU A 289 22.76 -23.21 -2.11
CA LEU A 289 23.10 -24.63 -1.95
C LEU A 289 22.13 -25.42 -2.78
N TYR A 290 22.67 -26.19 -3.72
CA TYR A 290 21.85 -27.01 -4.59
C TYR A 290 22.50 -28.38 -4.82
N ALA A 291 21.70 -29.36 -5.26
CA ALA A 291 22.14 -30.73 -5.54
C ALA A 291 22.28 -30.92 -7.05
N VAL A 292 23.26 -31.76 -7.46
CA VAL A 292 23.53 -32.04 -8.87
C VAL A 292 24.03 -33.51 -9.08
N VAL A 293 23.93 -34.04 -10.34
CA VAL A 293 24.40 -35.38 -10.69
C VAL A 293 25.77 -35.30 -11.37
N ASP A 310 19.72 -30.12 -12.39
CA ASP A 310 19.87 -29.17 -11.29
C ASP A 310 18.62 -29.11 -10.40
N CYS A 311 18.84 -28.95 -9.07
CA CYS A 311 17.76 -28.89 -8.07
C CYS A 311 18.11 -27.91 -6.90
N PRO A 312 17.39 -26.76 -6.76
CA PRO A 312 17.73 -25.84 -5.65
C PRO A 312 17.27 -26.34 -4.30
N ILE A 313 18.09 -26.12 -3.26
CA ILE A 313 17.75 -26.58 -1.92
C ILE A 313 17.44 -25.41 -0.99
N ALA A 314 18.45 -24.55 -0.72
CA ALA A 314 18.33 -23.41 0.17
C ALA A 314 19.28 -22.28 -0.24
N TRP A 315 18.96 -21.03 0.15
CA TRP A 315 19.76 -19.84 -0.12
C TRP A 315 20.05 -19.08 1.17
N ALA A 316 21.05 -18.17 1.16
CA ALA A 316 21.41 -17.33 2.31
C ALA A 316 22.26 -16.14 1.86
N ASN A 317 21.99 -14.93 2.40
CA ASN A 317 22.74 -13.72 2.04
C ASN A 317 23.26 -13.03 3.27
N LEU A 318 24.32 -12.22 3.10
CA LEU A 318 24.88 -11.43 4.21
C LEU A 318 25.71 -10.29 3.71
N MET A 319 25.76 -9.22 4.49
CA MET A 319 26.54 -8.01 4.25
C MET A 319 27.98 -8.26 4.76
N LEU A 320 28.97 -7.57 4.16
CA LEU A 320 30.38 -7.72 4.55
C LEU A 320 30.80 -6.69 5.59
N PHE A 321 29.94 -5.69 5.82
CA PHE A 321 30.13 -4.63 6.80
C PHE A 321 28.96 -4.68 7.78
N ASP A 322 29.19 -4.33 9.04
CA ASP A 322 28.12 -4.34 10.04
C ASP A 322 27.44 -2.96 10.11
N TYR A 323 26.36 -2.83 10.90
CA TYR A 323 25.61 -1.59 11.07
C TYR A 323 26.45 -0.41 11.56
N LYS A 324 27.64 -0.71 12.14
CA LYS A 324 28.61 0.27 12.63
C LYS A 324 29.77 0.48 11.61
N ASP A 325 29.57 0.07 10.34
CA ASP A 325 30.45 0.21 9.16
C ASP A 325 31.73 -0.68 9.16
N GLN A 326 31.89 -1.54 10.19
CA GLN A 326 33.09 -2.38 10.31
C GLN A 326 32.98 -3.64 9.48
N LEU A 327 34.07 -4.00 8.76
CA LEU A 327 34.15 -5.22 7.96
C LEU A 327 34.11 -6.41 8.94
N LYS A 328 33.22 -7.39 8.68
CA LYS A 328 33.00 -8.55 9.55
C LYS A 328 34.10 -9.64 9.55
N THR A 329 34.35 -10.21 10.75
CA THR A 329 35.26 -11.31 11.12
C THR A 329 34.60 -11.98 12.37
N GLY A 330 34.75 -13.30 12.58
CA GLY A 330 35.48 -14.26 11.75
C GLY A 330 34.62 -15.42 11.33
N GLU A 331 34.08 -16.19 12.29
CA GLU A 331 33.23 -17.34 11.98
C GLU A 331 31.76 -16.94 11.87
N ARG A 332 31.08 -17.45 10.82
CA ARG A 332 29.67 -17.17 10.58
C ARG A 332 28.85 -18.41 10.23
N CYS A 333 27.80 -18.70 11.04
CA CYS A 333 26.85 -19.80 10.81
C CYS A 333 25.61 -19.17 10.23
N LEU A 334 25.28 -19.52 8.98
CA LEU A 334 24.18 -18.94 8.24
C LEU A 334 22.98 -19.88 8.09
N TYR A 335 21.93 -19.61 8.86
CA TYR A 335 20.70 -20.41 8.83
C TYR A 335 19.96 -20.03 7.55
N MET A 336 19.92 -21.00 6.63
CA MET A 336 19.43 -20.81 5.27
C MET A 336 17.92 -20.88 5.10
N TRP A 337 17.42 -20.16 4.08
CA TRP A 337 16.02 -20.10 3.69
C TRP A 337 15.71 -21.09 2.55
N PRO A 338 14.61 -21.88 2.60
CA PRO A 338 14.32 -22.82 1.50
C PRO A 338 14.12 -22.18 0.13
N SER A 339 14.48 -22.92 -0.93
CA SER A 339 14.37 -22.46 -2.31
C SER A 339 13.18 -23.07 -3.05
N VAL A 340 12.71 -22.35 -4.10
CA VAL A 340 11.60 -22.70 -4.97
C VAL A 340 12.04 -23.67 -6.09
N LEU A 347 19.20 -18.26 -10.45
CA LEU A 347 19.53 -19.26 -9.42
C LEU A 347 19.80 -18.61 -8.05
N LEU A 348 20.78 -17.70 -7.98
CA LEU A 348 21.20 -16.93 -6.80
C LEU A 348 20.15 -15.84 -6.50
N ASN A 349 19.87 -15.56 -5.20
CA ASN A 349 18.85 -14.56 -4.81
C ASN A 349 19.43 -13.31 -4.11
N PRO A 350 20.03 -12.33 -4.83
CA PRO A 350 20.56 -11.13 -4.16
C PRO A 350 19.55 -10.24 -3.43
N ALA A 351 18.28 -10.25 -3.89
CA ALA A 351 17.22 -9.41 -3.34
C ALA A 351 16.72 -9.80 -1.95
N GLY A 352 16.87 -11.08 -1.60
CA GLY A 352 16.44 -11.64 -0.32
C GLY A 352 17.11 -11.04 0.91
N THR A 353 16.46 -11.23 2.07
CA THR A 353 16.90 -10.79 3.39
C THR A 353 18.36 -11.20 3.70
N VAL A 354 19.09 -10.31 4.38
CA VAL A 354 20.47 -10.53 4.82
C VAL A 354 20.49 -11.02 6.29
N ARG A 355 19.32 -11.48 6.80
CA ARG A 355 19.18 -12.04 8.14
C ARG A 355 18.79 -13.51 7.99
N GLY A 356 19.43 -14.36 8.77
CA GLY A 356 19.20 -15.78 8.69
C GLY A 356 17.84 -16.23 9.17
N ASN A 357 17.40 -17.39 8.66
CA ASN A 357 16.17 -18.09 9.01
C ASN A 357 16.07 -18.20 10.55
N PRO A 358 14.97 -17.72 11.17
CA PRO A 358 14.89 -17.79 12.65
C PRO A 358 14.56 -19.19 13.21
N ASN A 359 14.26 -20.14 12.32
CA ASN A 359 13.95 -21.52 12.68
C ASN A 359 15.23 -22.35 12.76
N THR A 360 16.13 -21.98 13.70
CA THR A 360 17.43 -22.63 13.96
C THR A 360 17.34 -24.17 14.12
N GLU A 361 16.20 -24.68 14.62
CA GLU A 361 15.97 -26.11 14.82
C GLU A 361 15.77 -26.89 13.51
N SER A 362 14.94 -26.38 12.61
CA SER A 362 14.62 -27.03 11.34
C SER A 362 15.22 -26.34 10.11
N ALA A 363 16.31 -25.58 10.27
CA ALA A 363 16.95 -24.92 9.13
C ALA A 363 18.31 -25.49 8.80
N ALA A 364 18.59 -25.59 7.49
CA ALA A 364 19.86 -26.01 6.91
C ALA A 364 20.84 -24.86 7.19
N ALA A 365 21.97 -25.13 7.83
CA ALA A 365 22.94 -24.08 8.17
C ALA A 365 24.22 -24.19 7.36
N LEU A 366 24.88 -23.05 7.11
CA LEU A 366 26.13 -22.99 6.39
C LEU A 366 27.18 -22.27 7.20
N VAL A 367 28.24 -22.99 7.59
CA VAL A 367 29.36 -22.41 8.33
C VAL A 367 30.43 -21.96 7.35
N ILE A 368 30.90 -20.71 7.52
CA ILE A 368 31.90 -20.06 6.67
C ILE A 368 32.84 -19.19 7.51
N TYR A 369 34.04 -18.89 6.99
CA TYR A 369 34.99 -18.02 7.68
C TYR A 369 35.26 -16.74 6.91
N LEU A 370 35.33 -15.62 7.64
CA LEU A 370 35.57 -14.27 7.19
C LEU A 370 36.97 -13.91 7.69
N PRO A 371 38.01 -14.17 6.85
CA PRO A 371 39.39 -13.93 7.28
C PRO A 371 39.71 -12.53 7.80
N GLU A 372 40.57 -12.46 8.83
CA GLU A 372 41.02 -11.21 9.45
C GLU A 372 41.99 -10.49 8.50
N VAL A 373 42.04 -9.13 8.57
CA VAL A 373 42.92 -8.32 7.71
C VAL A 373 43.73 -7.28 8.54
N ALA A 374 44.16 -7.68 9.76
CA ALA A 374 44.96 -6.84 10.67
C ALA A 374 46.45 -7.20 10.62
N PRO A 377 40.57 -4.00 13.60
CA PRO A 377 39.39 -3.21 13.23
C PRO A 377 39.52 -2.55 11.85
N VAL A 378 38.53 -2.78 10.98
CA VAL A 378 38.51 -2.26 9.60
C VAL A 378 37.17 -1.61 9.26
N TYR A 379 37.02 -0.33 9.61
CA TYR A 379 35.82 0.49 9.38
C TYR A 379 35.79 1.04 7.96
N PHE A 380 34.58 1.19 7.39
CA PHE A 380 34.42 1.76 6.06
C PHE A 380 34.68 3.27 6.18
N PRO A 381 35.46 3.87 5.24
CA PRO A 381 35.78 5.31 5.36
C PRO A 381 34.57 6.23 5.42
N ALA A 382 34.69 7.33 6.18
CA ALA A 382 33.65 8.35 6.35
C ALA A 382 33.43 9.14 5.06
N LEU A 383 32.42 10.03 5.03
CA LEU A 383 32.12 10.84 3.84
C LEU A 383 33.24 11.87 3.53
N GLU A 384 33.87 12.48 4.57
CA GLU A 384 34.97 13.46 4.44
C GLU A 384 36.17 12.92 3.65
N LYS A 385 36.48 11.61 3.83
CA LYS A 385 37.56 10.90 3.12
C LYS A 385 37.15 10.61 1.67
N ILE A 386 35.88 10.17 1.47
CA ILE A 386 35.26 9.86 0.18
C ILE A 386 35.23 11.13 -0.70
N LEU A 387 34.73 12.24 -0.13
CA LEU A 387 34.63 13.55 -0.80
C LEU A 387 35.98 14.13 -1.18
N GLU A 388 37.05 13.82 -0.41
CA GLU A 388 38.40 14.29 -0.72
C GLU A 388 38.92 13.55 -1.95
N LEU A 389 38.53 12.27 -2.12
CA LEU A 389 38.87 11.44 -3.28
C LEU A 389 37.74 11.53 -4.31
N LEU A 406 25.82 13.19 -29.39
CA LEU A 406 25.16 11.88 -29.31
C LEU A 406 24.75 11.52 -27.87
N ARG A 407 25.03 12.42 -26.91
CA ARG A 407 24.72 12.27 -25.49
C ARG A 407 23.23 12.47 -25.20
N GLU A 408 22.62 13.50 -25.80
CA GLU A 408 21.20 13.83 -25.63
C GLU A 408 20.27 12.83 -26.32
N ILE A 409 20.74 12.18 -27.43
CA ILE A 409 19.96 11.24 -28.23
C ILE A 409 19.65 9.92 -27.48
N LEU A 410 20.51 9.50 -26.53
CA LEU A 410 20.30 8.26 -25.76
C LEU A 410 19.59 8.52 -24.41
N GLU A 411 19.31 9.80 -24.09
CA GLU A 411 18.63 10.19 -22.85
C GLU A 411 17.09 10.09 -22.91
N ARG A 412 16.56 9.40 -23.95
CA ARG A 412 15.13 9.17 -24.16
C ARG A 412 14.87 7.83 -24.84
N GLU A 417 18.38 -0.09 -20.87
CA GLU A 417 19.37 -0.91 -21.54
C GLU A 417 20.15 -0.08 -22.56
N LEU A 418 21.47 -0.03 -22.43
CA LEU A 418 22.36 0.72 -23.32
C LEU A 418 23.70 -0.01 -23.56
N TYR A 419 24.34 0.27 -24.72
CA TYR A 419 25.60 -0.38 -25.11
C TYR A 419 26.79 0.09 -24.27
N GLU A 420 27.79 -0.80 -24.11
CA GLU A 420 29.02 -0.60 -23.32
C GLU A 420 29.75 0.71 -23.67
N HIS A 421 29.76 1.12 -24.96
CA HIS A 421 30.38 2.37 -25.39
C HIS A 421 29.56 3.59 -24.92
N GLU A 422 28.21 3.46 -24.98
CA GLU A 422 27.22 4.47 -24.57
C GLU A 422 27.30 4.75 -23.06
N LYS A 423 27.62 3.69 -22.25
CA LYS A 423 27.80 3.77 -20.79
C LYS A 423 29.01 4.62 -20.47
N ASP A 424 30.17 4.33 -21.15
CA ASP A 424 31.46 5.04 -21.03
C ASP A 424 31.28 6.53 -21.30
N LEU A 425 30.41 6.89 -22.27
CA LEU A 425 30.08 8.25 -22.66
C LEU A 425 29.39 9.00 -21.51
N VAL A 426 28.31 8.42 -20.94
CA VAL A 426 27.56 8.95 -19.79
C VAL A 426 28.51 9.16 -18.60
N TRP A 427 29.39 8.18 -18.32
CA TRP A 427 30.33 8.29 -17.20
C TRP A 427 31.38 9.38 -17.38
N LYS A 428 31.89 9.56 -18.62
CA LYS A 428 32.90 10.58 -18.93
C LYS A 428 32.26 11.98 -18.84
N MET A 429 30.98 12.09 -19.23
CA MET A 429 30.15 13.30 -19.23
C MET A 429 29.44 13.58 -17.89
N ARG A 430 29.72 12.78 -16.84
CA ARG A 430 29.10 12.85 -15.51
C ARG A 430 28.88 14.27 -14.93
N HIS A 431 29.83 15.20 -15.15
CA HIS A 431 29.78 16.58 -14.64
C HIS A 431 28.71 17.41 -15.34
N GLU A 432 28.52 17.15 -16.67
CA GLU A 432 27.54 17.80 -17.52
C GLU A 432 26.13 17.27 -17.22
N VAL A 433 26.04 15.97 -16.87
CA VAL A 433 24.79 15.30 -16.48
C VAL A 433 24.32 15.92 -15.14
N GLN A 434 25.24 16.23 -14.21
CA GLN A 434 24.86 16.88 -12.94
C GLN A 434 24.26 18.27 -13.15
N GLU A 435 24.87 19.08 -14.03
CA GLU A 435 24.50 20.47 -14.25
C GLU A 435 23.36 20.70 -15.26
N HIS A 436 23.29 19.91 -16.35
CA HIS A 436 22.25 20.12 -17.37
C HIS A 436 21.19 18.99 -17.46
N PHE A 437 21.46 17.81 -16.88
CA PHE A 437 20.52 16.67 -16.87
C PHE A 437 20.40 16.04 -15.44
N PRO A 438 19.99 16.80 -14.38
CA PRO A 438 19.96 16.22 -13.03
C PRO A 438 19.00 15.04 -12.82
N GLU A 439 17.90 14.99 -13.58
CA GLU A 439 16.91 13.92 -13.49
C GLU A 439 17.41 12.59 -14.10
N ALA A 440 18.46 12.66 -14.93
CA ALA A 440 19.10 11.50 -15.54
C ALA A 440 20.03 10.80 -14.53
N LEU A 441 20.15 11.33 -13.29
CA LEU A 441 20.96 10.78 -12.19
C LEU A 441 20.89 9.26 -12.11
N ALA A 442 19.67 8.68 -12.13
CA ALA A 442 19.42 7.25 -12.08
C ALA A 442 20.23 6.50 -13.15
N ARG A 443 20.33 7.06 -14.38
CA ARG A 443 21.12 6.47 -15.46
C ARG A 443 22.62 6.57 -15.18
N LEU A 444 23.07 7.67 -14.55
CA LEU A 444 24.47 7.83 -14.19
C LEU A 444 24.84 6.86 -13.06
N LEU A 445 23.92 6.65 -12.09
CA LEU A 445 24.14 5.71 -10.97
C LEU A 445 24.28 4.25 -11.45
N LEU A 446 23.59 3.90 -12.55
CA LEU A 446 23.61 2.56 -13.17
C LEU A 446 24.79 2.32 -14.12
N VAL A 447 25.65 3.35 -14.33
CA VAL A 447 26.83 3.21 -15.21
C VAL A 447 28.13 3.24 -14.38
N THR A 448 28.08 3.76 -13.13
CA THR A 448 29.26 3.82 -12.25
C THR A 448 29.68 2.43 -11.82
N LYS A 449 31.00 2.18 -11.84
CA LYS A 449 31.56 0.88 -11.48
C LYS A 449 31.64 0.80 -9.94
N TRP A 450 30.71 0.04 -9.34
CA TRP A 450 30.66 -0.13 -7.88
C TRP A 450 31.72 -1.12 -7.39
N ASN A 451 32.38 -1.81 -8.33
CA ASN A 451 33.48 -2.73 -8.08
C ASN A 451 34.86 -2.03 -8.01
N LYS A 452 34.89 -0.67 -8.01
CA LYS A 452 36.10 0.16 -7.93
C LYS A 452 35.84 1.36 -7.01
N HIS A 453 36.54 1.42 -5.85
CA HIS A 453 36.34 2.43 -4.80
C HIS A 453 36.60 3.90 -5.23
N GLU A 454 37.45 4.14 -6.24
CA GLU A 454 37.75 5.48 -6.75
C GLU A 454 36.54 6.00 -7.54
N ASP A 455 35.87 5.12 -8.32
CA ASP A 455 34.67 5.39 -9.13
C ASP A 455 33.46 5.76 -8.27
N VAL A 456 33.29 5.05 -7.13
CA VAL A 456 32.20 5.25 -6.17
C VAL A 456 32.30 6.65 -5.55
N ALA A 457 33.49 7.05 -5.03
CA ALA A 457 33.76 8.36 -4.43
C ALA A 457 33.56 9.52 -5.45
N GLN A 458 33.87 9.25 -6.73
CA GLN A 458 33.69 10.19 -7.85
C GLN A 458 32.20 10.42 -8.06
N MET A 459 31.39 9.33 -8.00
CA MET A 459 29.93 9.36 -8.14
C MET A 459 29.29 10.07 -6.93
N LEU A 460 29.72 9.66 -5.72
CA LEU A 460 29.26 10.20 -4.46
C LEU A 460 29.63 11.68 -4.29
N TYR A 461 30.73 12.16 -4.94
CA TYR A 461 31.11 13.58 -4.85
C TYR A 461 30.11 14.43 -5.63
N LEU A 462 29.68 13.96 -6.81
CA LEU A 462 28.65 14.61 -7.64
C LEU A 462 27.29 14.58 -6.91
N LEU A 463 27.00 13.47 -6.19
CA LEU A 463 25.77 13.26 -5.44
C LEU A 463 25.61 14.17 -4.22
N CYS A 464 26.70 14.48 -3.53
CA CYS A 464 26.65 15.32 -2.32
C CYS A 464 26.40 16.80 -2.63
N SER A 465 26.54 17.17 -3.91
CA SER A 465 26.27 18.51 -4.44
C SER A 465 25.14 18.41 -5.49
N TRP A 466 24.52 17.21 -5.62
CA TRP A 466 23.43 16.98 -6.56
C TRP A 466 22.18 17.71 -6.12
N PRO A 467 21.57 18.54 -7.00
CA PRO A 467 20.32 19.22 -6.61
C PRO A 467 19.17 18.24 -6.40
N GLU A 468 18.20 18.63 -5.55
CA GLU A 468 17.00 17.87 -5.25
C GLU A 468 16.26 17.39 -6.51
N LEU A 469 15.84 16.13 -6.50
CA LEU A 469 15.10 15.53 -7.61
C LEU A 469 13.58 15.55 -7.35
N PRO A 470 12.70 15.56 -8.39
CA PRO A 470 11.26 15.54 -8.10
C PRO A 470 10.87 14.23 -7.40
N VAL A 471 9.64 14.17 -6.86
CA VAL A 471 9.08 12.99 -6.20
C VAL A 471 9.17 11.75 -7.11
N LEU A 472 8.86 11.92 -8.43
CA LEU A 472 8.89 10.86 -9.43
C LEU A 472 10.26 10.26 -9.68
N SER A 473 11.30 11.12 -9.65
CA SER A 473 12.68 10.66 -9.83
C SER A 473 13.11 9.91 -8.57
N ALA A 474 12.76 10.49 -7.39
CA ALA A 474 13.08 9.98 -6.07
C ALA A 474 12.48 8.58 -5.77
N LEU A 475 11.24 8.28 -6.27
CA LEU A 475 10.56 6.98 -6.10
C LEU A 475 11.28 5.86 -6.88
N GLU A 476 12.02 6.21 -7.94
CA GLU A 476 12.81 5.28 -8.76
C GLU A 476 14.08 4.84 -8.02
N LEU A 477 14.72 5.78 -7.27
CA LEU A 477 15.95 5.57 -6.52
C LEU A 477 15.78 4.80 -5.21
N LEU A 478 14.55 4.35 -4.92
CA LEU A 478 14.26 3.54 -3.72
C LEU A 478 14.33 2.07 -4.08
N ASP A 479 14.46 1.77 -5.37
CA ASP A 479 14.52 0.41 -5.88
C ASP A 479 15.84 -0.23 -5.43
N PHE A 480 15.84 -1.57 -5.33
CA PHE A 480 16.99 -2.38 -4.99
C PHE A 480 18.07 -2.24 -6.08
N SER A 481 17.70 -1.62 -7.22
CA SER A 481 18.57 -1.29 -8.34
C SER A 481 19.55 -0.15 -7.97
N PHE A 482 19.30 0.54 -6.85
CA PHE A 482 20.15 1.63 -6.35
C PHE A 482 20.41 1.34 -4.87
N PRO A 483 21.27 0.33 -4.56
CA PRO A 483 21.42 -0.10 -3.15
C PRO A 483 22.28 0.75 -2.25
N ASP A 484 23.03 1.71 -2.80
CA ASP A 484 23.92 2.52 -1.99
C ASP A 484 23.17 3.36 -0.95
N CYS A 485 23.72 3.39 0.28
CA CYS A 485 23.17 4.11 1.43
C CYS A 485 23.10 5.61 1.20
N TYR A 486 24.12 6.21 0.54
CA TYR A 486 24.13 7.65 0.23
C TYR A 486 23.09 8.01 -0.83
N VAL A 487 22.81 7.08 -1.76
CA VAL A 487 21.76 7.19 -2.78
C VAL A 487 20.37 7.17 -2.08
N GLY A 488 20.19 6.23 -1.14
CA GLY A 488 18.96 6.08 -0.36
C GLY A 488 18.68 7.28 0.51
N SER A 489 19.74 7.85 1.09
CA SER A 489 19.68 9.04 1.95
C SER A 489 19.22 10.23 1.09
N PHE A 490 19.73 10.32 -0.16
CA PHE A 490 19.40 11.35 -1.15
C PHE A 490 17.96 11.20 -1.61
N ALA A 491 17.52 9.95 -1.83
CA ALA A 491 16.16 9.60 -2.23
C ALA A 491 15.17 10.04 -1.13
N ILE A 492 15.50 9.77 0.16
CA ILE A 492 14.66 10.17 1.28
C ILE A 492 14.62 11.69 1.35
N LYS A 493 15.80 12.35 1.26
CA LYS A 493 15.94 13.82 1.26
C LYS A 493 15.00 14.44 0.20
N SER A 494 14.95 13.86 -1.02
CA SER A 494 14.11 14.34 -2.12
C SER A 494 12.62 14.02 -1.90
N LEU A 495 12.33 12.97 -1.11
CA LEU A 495 10.96 12.56 -0.81
C LEU A 495 10.36 13.34 0.35
N ARG A 496 11.18 14.09 1.11
CA ARG A 496 10.71 14.92 2.23
C ARG A 496 9.62 15.95 1.81
N LYS A 497 9.61 16.38 0.53
CA LYS A 497 8.60 17.31 0.04
C LYS A 497 7.26 16.60 -0.29
N LEU A 498 7.18 15.27 -0.05
CA LEU A 498 5.93 14.51 -0.25
C LEU A 498 4.89 15.11 0.69
N THR A 499 3.69 15.42 0.18
CA THR A 499 2.59 15.93 1.02
C THR A 499 2.06 14.73 1.79
N ASP A 500 1.17 14.94 2.76
CA ASP A 500 0.59 13.82 3.49
C ASP A 500 -0.35 13.01 2.61
N ASP A 501 -0.91 13.63 1.55
CA ASP A 501 -1.80 12.99 0.56
C ASP A 501 -1.03 12.11 -0.41
N GLU A 502 0.12 12.59 -0.92
CA GLU A 502 1.03 11.87 -1.81
C GLU A 502 1.67 10.68 -1.06
N LEU A 503 2.23 10.91 0.13
CA LEU A 503 2.81 9.88 0.99
C LEU A 503 1.79 8.74 1.28
N PHE A 504 0.53 9.09 1.60
CA PHE A 504 -0.56 8.14 1.89
C PHE A 504 -0.92 7.27 0.67
N GLN A 505 -0.84 7.84 -0.53
CA GLN A 505 -1.10 7.17 -1.80
C GLN A 505 -0.01 6.12 -2.08
N TYR A 506 1.29 6.40 -1.71
CA TYR A 506 2.46 5.49 -1.95
C TYR A 506 2.98 4.71 -0.74
N LEU A 507 2.30 4.80 0.41
CA LEU A 507 2.67 4.11 1.66
C LEU A 507 2.89 2.60 1.51
N LEU A 508 2.05 1.91 0.74
CA LEU A 508 2.16 0.47 0.48
C LEU A 508 3.49 0.12 -0.20
N GLN A 509 3.91 0.92 -1.21
CA GLN A 509 5.19 0.72 -1.93
C GLN A 509 6.41 1.01 -1.05
N LEU A 510 6.34 2.07 -0.21
CA LEU A 510 7.40 2.49 0.72
C LEU A 510 7.57 1.48 1.85
N VAL A 511 6.45 0.87 2.32
CA VAL A 511 6.47 -0.20 3.33
C VAL A 511 7.16 -1.44 2.73
N GLN A 512 6.89 -1.75 1.46
CA GLN A 512 7.49 -2.88 0.74
C GLN A 512 9.02 -2.77 0.58
N VAL A 513 9.53 -1.54 0.34
CA VAL A 513 10.97 -1.21 0.21
C VAL A 513 11.74 -1.54 1.51
N LEU A 514 11.04 -1.58 2.66
CA LEU A 514 11.62 -1.96 3.93
C LEU A 514 12.18 -3.38 3.89
N LYS A 515 11.61 -4.23 3.02
CA LYS A 515 12.03 -5.61 2.79
C LYS A 515 13.39 -5.71 2.09
N TYR A 516 13.80 -4.62 1.42
CA TYR A 516 15.06 -4.51 0.70
C TYR A 516 16.20 -3.95 1.58
N GLU A 517 15.85 -3.16 2.61
CA GLU A 517 16.81 -2.53 3.53
C GLU A 517 17.81 -3.56 4.07
N SER A 518 19.09 -3.17 4.13
CA SER A 518 20.18 -4.05 4.59
C SER A 518 20.31 -4.11 6.10
N TYR A 519 20.01 -2.99 6.78
CA TYR A 519 20.14 -2.82 8.23
C TYR A 519 18.84 -2.32 8.85
N LEU A 520 18.68 -2.51 10.18
CA LEU A 520 17.49 -2.08 10.93
C LEU A 520 17.38 -0.57 11.01
N ASP A 521 18.46 0.11 11.41
CA ASP A 521 18.46 1.56 11.45
C ASP A 521 18.79 2.07 10.05
N CYS A 522 17.75 2.60 9.41
CA CYS A 522 17.82 3.10 8.05
C CYS A 522 17.02 4.39 7.98
N GLU A 523 17.27 5.19 6.93
CA GLU A 523 16.60 6.45 6.72
C GLU A 523 15.10 6.28 6.46
N LEU A 524 14.72 5.24 5.66
CA LEU A 524 13.33 4.91 5.34
C LEU A 524 12.47 4.75 6.58
N THR A 525 12.94 3.98 7.59
CA THR A 525 12.21 3.77 8.86
C THR A 525 12.02 5.08 9.60
N LYS A 526 13.12 5.82 9.85
CA LYS A 526 13.05 7.10 10.54
C LYS A 526 12.02 8.02 9.83
N PHE A 527 12.04 8.07 8.48
CA PHE A 527 11.10 8.82 7.65
C PHE A 527 9.63 8.33 7.83
N LEU A 528 9.40 7.00 7.79
CA LEU A 528 8.05 6.43 7.97
C LEU A 528 7.50 6.67 9.33
N LEU A 529 8.29 6.34 10.37
CA LEU A 529 7.96 6.52 11.79
C LEU A 529 7.72 7.99 12.14
N GLY A 530 8.55 8.89 11.58
CA GLY A 530 8.44 10.33 11.80
C GLY A 530 7.18 10.93 11.22
N ARG A 531 6.88 10.56 9.96
CA ARG A 531 5.69 10.92 9.18
C ARG A 531 4.41 10.24 9.70
N ALA A 532 4.56 9.09 10.38
CA ALA A 532 3.47 8.34 10.99
C ALA A 532 3.01 9.06 12.23
N LEU A 533 3.98 9.50 13.06
CA LEU A 533 3.71 10.14 14.34
C LEU A 533 3.21 11.57 14.21
N ALA A 534 3.38 12.17 13.03
CA ALA A 534 2.90 13.52 12.75
C ALA A 534 1.49 13.50 12.10
N ASN A 535 1.00 12.28 11.73
CA ASN A 535 -0.31 12.06 11.08
C ASN A 535 -0.91 10.67 11.47
N ARG A 536 -1.94 10.69 12.35
CA ARG A 536 -2.63 9.50 12.87
C ARG A 536 -3.12 8.51 11.79
N LYS A 537 -3.50 9.04 10.59
CA LYS A 537 -3.96 8.26 9.44
C LYS A 537 -2.76 7.55 8.78
N ILE A 538 -1.56 8.20 8.69
CA ILE A 538 -0.35 7.56 8.15
C ILE A 538 0.04 6.47 9.14
N GLY A 539 0.03 6.86 10.41
CA GLY A 539 0.36 6.01 11.54
C GLY A 539 -0.47 4.76 11.71
N HIS A 540 -1.79 4.88 11.44
CA HIS A 540 -2.80 3.80 11.45
C HIS A 540 -2.47 2.77 10.40
N PHE A 541 -2.41 3.21 9.12
CA PHE A 541 -2.10 2.39 7.95
C PHE A 541 -0.68 1.85 7.93
N LEU A 542 0.32 2.59 8.47
CA LEU A 542 1.69 2.07 8.57
C LEU A 542 1.63 0.88 9.53
N PHE A 543 0.90 1.01 10.66
CA PHE A 543 0.75 -0.08 11.62
C PHE A 543 0.12 -1.33 10.97
N TRP A 544 -1.00 -1.18 10.25
CA TRP A 544 -1.72 -2.29 9.62
C TRP A 544 -0.95 -2.95 8.51
N HIS A 545 -0.11 -2.19 7.78
CA HIS A 545 0.74 -2.76 6.72
C HIS A 545 1.81 -3.69 7.29
N LEU A 546 2.37 -3.32 8.45
CA LEU A 546 3.40 -4.11 9.12
C LEU A 546 2.76 -5.25 9.88
N ARG A 547 1.67 -4.97 10.65
CA ARG A 547 0.97 -6.00 11.42
C ARG A 547 0.46 -7.13 10.54
N SER A 548 -0.06 -6.79 9.34
CA SER A 548 -0.57 -7.75 8.38
C SER A 548 0.45 -8.83 7.98
N GLU A 549 1.75 -8.51 8.05
CA GLU A 549 2.84 -9.40 7.65
C GLU A 549 3.67 -9.97 8.82
N MET A 550 3.23 -9.78 10.06
CA MET A 550 3.93 -10.27 11.25
C MET A 550 4.12 -11.77 11.28
N HIS A 551 3.30 -12.51 10.53
CA HIS A 551 3.32 -13.97 10.42
C HIS A 551 4.39 -14.43 9.40
N VAL A 552 4.98 -13.49 8.60
CA VAL A 552 6.00 -13.76 7.58
C VAL A 552 7.37 -13.68 8.31
N PRO A 553 8.07 -14.83 8.54
CA PRO A 553 9.28 -14.80 9.39
C PRO A 553 10.45 -13.92 8.88
N SER A 554 10.54 -13.65 7.55
CA SER A 554 11.65 -12.83 7.04
C SER A 554 11.52 -11.34 7.41
N VAL A 555 10.30 -10.88 7.76
CA VAL A 555 10.08 -9.48 8.18
C VAL A 555 9.61 -9.33 9.65
N ALA A 556 9.21 -10.43 10.32
CA ALA A 556 8.73 -10.39 11.69
C ALA A 556 9.57 -9.53 12.65
N LEU A 557 10.90 -9.73 12.69
CA LEU A 557 11.75 -8.93 13.58
C LEU A 557 11.71 -7.42 13.25
N ARG A 558 11.97 -7.04 12.00
CA ARG A 558 11.95 -5.63 11.57
C ARG A 558 10.60 -4.93 11.77
N PHE A 559 9.50 -5.57 11.30
CA PHE A 559 8.15 -4.99 11.35
C PHE A 559 7.71 -4.78 12.80
N GLY A 560 7.95 -5.80 13.65
CA GLY A 560 7.70 -5.79 15.09
C GLY A 560 8.45 -4.72 15.86
N LEU A 561 9.72 -4.45 15.49
CA LEU A 561 10.55 -3.41 16.13
C LEU A 561 10.03 -2.03 15.72
N ILE A 562 9.65 -1.84 14.45
CA ILE A 562 9.07 -0.58 13.96
C ILE A 562 7.74 -0.27 14.69
N MET A 563 6.88 -1.29 14.90
CA MET A 563 5.58 -1.10 15.57
C MET A 563 5.81 -0.74 17.00
N GLU A 564 6.73 -1.44 17.69
CA GLU A 564 7.11 -1.13 19.06
C GLU A 564 7.60 0.32 19.15
N ALA A 565 8.49 0.76 18.23
CA ALA A 565 8.96 2.14 18.21
C ALA A 565 7.79 3.12 18.02
N TYR A 566 6.80 2.76 17.17
CA TYR A 566 5.64 3.60 16.91
C TYR A 566 4.75 3.81 18.14
N CYS A 567 4.48 2.72 18.89
CA CYS A 567 3.65 2.73 20.09
C CYS A 567 4.26 3.58 21.19
N ARG A 568 5.61 3.60 21.27
CA ARG A 568 6.34 4.40 22.25
C ARG A 568 5.96 5.86 22.05
N GLY A 569 5.90 6.28 20.78
CA GLY A 569 5.50 7.62 20.39
C GLY A 569 4.01 7.88 20.30
N SER A 570 3.16 6.85 20.54
CA SER A 570 1.69 6.96 20.51
C SER A 570 0.99 5.92 21.38
N THR A 571 1.00 6.15 22.70
CA THR A 571 0.39 5.31 23.76
C THR A 571 -1.13 5.21 23.56
N HIS A 572 -1.82 6.33 23.23
CA HIS A 572 -3.28 6.37 23.03
C HIS A 572 -3.72 5.61 21.79
N HIS A 573 -2.98 5.76 20.70
CA HIS A 573 -3.25 5.09 19.44
C HIS A 573 -3.08 3.60 19.54
N MET A 574 -2.08 3.17 20.34
CA MET A 574 -1.78 1.77 20.62
C MET A 574 -3.01 1.09 21.23
N LYS A 575 -3.68 1.76 22.18
CA LYS A 575 -4.89 1.29 22.82
C LYS A 575 -6.07 1.28 21.81
N VAL A 576 -6.14 2.29 20.94
CA VAL A 576 -7.15 2.43 19.88
C VAL A 576 -7.02 1.27 18.90
N LEU A 577 -5.78 0.89 18.54
CA LEU A 577 -5.47 -0.24 17.66
C LEU A 577 -5.63 -1.59 18.35
N MET A 578 -5.51 -1.65 19.70
CA MET A 578 -5.73 -2.88 20.47
C MET A 578 -7.21 -3.23 20.42
N LYS A 579 -8.08 -2.21 20.41
CA LYS A 579 -9.52 -2.37 20.28
C LYS A 579 -9.88 -3.00 18.90
N GLN A 580 -9.20 -2.58 17.80
CA GLN A 580 -9.38 -3.10 16.43
C GLN A 580 -8.95 -4.57 16.34
N GLY A 581 -7.80 -4.91 16.93
CA GLY A 581 -7.34 -6.30 16.99
C GLY A 581 -8.24 -7.15 17.86
N GLU A 582 -8.86 -6.56 18.89
CA GLU A 582 -9.80 -7.27 19.76
C GLU A 582 -11.05 -7.73 18.98
N ALA A 583 -11.59 -6.86 18.10
CA ALA A 583 -12.73 -7.14 17.22
C ALA A 583 -12.36 -8.21 16.19
N LEU A 584 -11.15 -8.13 15.64
CA LEU A 584 -10.63 -9.07 14.64
C LEU A 584 -10.35 -10.45 15.19
N SER A 585 -9.87 -10.53 16.43
CA SER A 585 -9.68 -11.81 17.12
C SER A 585 -11.03 -12.53 17.27
N LYS A 586 -12.10 -11.76 17.53
CA LYS A 586 -13.49 -12.23 17.66
C LYS A 586 -14.10 -12.61 16.29
N LEU A 587 -13.82 -11.84 15.22
CA LEU A 587 -14.28 -12.14 13.87
C LEU A 587 -13.65 -13.41 13.33
N LYS A 588 -12.37 -13.69 13.69
CA LYS A 588 -11.70 -14.95 13.29
C LYS A 588 -12.36 -16.20 13.95
N ALA A 589 -12.70 -16.14 15.26
CA ALA A 589 -13.35 -17.27 15.95
C ALA A 589 -14.77 -17.48 15.44
N LEU A 590 -15.51 -16.37 15.19
CA LEU A 590 -16.87 -16.36 14.61
C LEU A 590 -16.85 -16.98 13.20
N ASN A 591 -15.87 -16.59 12.34
CA ASN A 591 -15.74 -17.13 10.98
C ASN A 591 -15.37 -18.62 10.95
N ASP A 592 -14.57 -19.10 11.92
CA ASP A 592 -14.20 -20.51 12.07
C ASP A 592 -15.44 -21.32 12.41
N PHE A 593 -16.37 -20.76 13.21
CA PHE A 593 -17.63 -21.42 13.54
C PHE A 593 -18.53 -21.47 12.31
N VAL A 594 -18.70 -20.35 11.59
CA VAL A 594 -19.51 -20.29 10.37
C VAL A 594 -19.00 -21.29 9.33
N LYS A 595 -17.67 -21.44 9.21
CA LYS A 595 -17.06 -22.40 8.30
C LYS A 595 -17.51 -23.82 8.62
N VAL A 596 -17.32 -24.24 9.88
CA VAL A 596 -17.73 -25.56 10.39
C VAL A 596 -19.25 -25.77 10.26
N SER A 597 -20.05 -24.79 10.70
CA SER A 597 -21.51 -24.85 10.66
C SER A 597 -22.12 -24.98 9.26
N SER A 598 -21.55 -24.28 8.25
CA SER A 598 -22.10 -24.31 6.88
C SER A 598 -22.05 -25.70 6.22
N GLN A 599 -21.09 -26.54 6.64
CA GLN A 599 -20.87 -27.91 6.15
C GLN A 599 -21.68 -28.95 6.99
N LYS A 600 -22.57 -28.49 7.89
CA LYS A 600 -23.37 -29.38 8.75
C LYS A 600 -24.86 -29.05 8.78
N THR A 601 -25.23 -27.79 8.55
CA THR A 601 -26.64 -27.41 8.63
C THR A 601 -27.01 -26.37 7.54
N THR A 602 -28.29 -25.95 7.54
CA THR A 602 -28.81 -24.98 6.57
C THR A 602 -28.26 -23.60 6.89
N LYS A 603 -28.34 -22.67 5.90
CA LYS A 603 -27.91 -21.30 6.09
C LYS A 603 -28.76 -20.62 7.19
N PRO A 604 -30.13 -20.65 7.18
CA PRO A 604 -30.87 -19.99 8.26
C PRO A 604 -30.50 -20.47 9.65
N GLN A 605 -30.15 -21.76 9.81
CA GLN A 605 -29.74 -22.30 11.10
C GLN A 605 -28.37 -21.78 11.57
N THR A 606 -27.39 -21.66 10.64
CA THR A 606 -26.05 -21.13 10.91
C THR A 606 -26.15 -19.64 11.25
N LYS A 607 -26.86 -18.87 10.39
CA LYS A 607 -27.08 -17.44 10.52
C LYS A 607 -27.60 -17.14 11.94
N GLU A 608 -28.67 -17.82 12.37
CA GLU A 608 -29.26 -17.68 13.69
C GLU A 608 -28.27 -17.95 14.83
N MET A 609 -27.38 -18.90 14.65
CA MET A 609 -26.41 -19.22 15.68
C MET A 609 -25.22 -18.28 15.70
N MET A 610 -24.93 -17.67 14.54
CA MET A 610 -23.88 -16.66 14.40
C MET A 610 -24.35 -15.49 15.25
N HIS A 611 -25.67 -15.23 15.22
CA HIS A 611 -26.33 -14.16 15.98
C HIS A 611 -26.29 -14.38 17.47
N MET A 612 -26.49 -15.64 17.92
CA MET A 612 -26.48 -16.04 19.35
C MET A 612 -25.08 -15.93 19.93
N CYS A 613 -24.05 -16.21 19.10
CA CYS A 613 -22.64 -16.13 19.48
C CYS A 613 -22.23 -14.65 19.49
N MET A 614 -22.71 -13.88 18.49
CA MET A 614 -22.47 -12.45 18.36
C MET A 614 -23.05 -11.66 19.50
N ARG A 615 -24.24 -12.09 19.99
CA ARG A 615 -24.97 -11.44 21.07
C ARG A 615 -24.47 -11.80 22.47
N GLN A 616 -23.34 -12.52 22.57
CA GLN A 616 -22.71 -12.81 23.86
C GLN A 616 -22.07 -11.51 24.35
N GLU A 617 -21.93 -11.35 25.66
CA GLU A 617 -21.34 -10.16 26.30
C GLU A 617 -20.01 -9.77 25.64
N THR A 618 -19.02 -10.67 25.69
CA THR A 618 -17.67 -10.46 25.16
C THR A 618 -17.64 -10.08 23.68
N TYR A 619 -18.51 -10.68 22.84
CA TYR A 619 -18.63 -10.38 21.42
C TYR A 619 -19.26 -9.02 21.20
N MET A 620 -20.31 -8.68 22.00
CA MET A 620 -20.96 -7.36 21.94
C MET A 620 -19.99 -6.21 22.28
N GLU A 621 -19.11 -6.41 23.28
CA GLU A 621 -18.11 -5.43 23.69
C GLU A 621 -17.02 -5.29 22.63
N ALA A 622 -16.42 -6.43 22.22
CA ALA A 622 -15.32 -6.49 21.25
C ALA A 622 -15.66 -5.98 19.87
N LEU A 623 -16.85 -6.30 19.36
CA LEU A 623 -17.23 -5.91 18.00
C LEU A 623 -17.76 -4.50 17.87
N SER A 624 -18.06 -3.83 18.99
CA SER A 624 -18.63 -2.48 18.99
C SER A 624 -17.64 -1.46 19.51
N HIS A 625 -17.79 -0.19 19.04
CA HIS A 625 -17.10 1.04 19.47
C HIS A 625 -15.61 1.06 19.21
N LEU A 626 -15.27 0.99 17.94
CA LEU A 626 -13.89 1.06 17.48
C LEU A 626 -13.89 1.92 16.21
N GLN A 627 -12.67 2.23 15.71
CA GLN A 627 -12.39 2.90 14.44
C GLN A 627 -12.25 1.80 13.43
N SER A 628 -12.62 2.05 12.20
CA SER A 628 -12.54 1.01 11.19
C SER A 628 -11.08 0.80 10.76
N PRO A 629 -10.51 -0.44 10.84
CA PRO A 629 -9.16 -0.67 10.27
C PRO A 629 -9.09 -0.22 8.81
N LEU A 630 -10.21 -0.24 8.07
CA LEU A 630 -10.24 0.21 6.67
C LEU A 630 -10.11 1.70 6.54
N ASP A 631 -10.68 2.45 7.51
CA ASP A 631 -10.66 3.90 7.52
C ASP A 631 -10.77 4.42 8.97
N PRO A 632 -9.69 5.00 9.54
CA PRO A 632 -9.77 5.54 10.93
C PRO A 632 -10.85 6.61 11.14
N SER A 633 -11.22 7.35 10.06
CA SER A 633 -12.28 8.37 10.09
C SER A 633 -13.67 7.76 10.25
N THR A 634 -13.86 6.50 9.80
CA THR A 634 -15.10 5.73 9.94
C THR A 634 -15.11 5.04 11.31
N LEU A 635 -16.18 5.27 12.09
CA LEU A 635 -16.45 4.75 13.43
C LEU A 635 -17.52 3.66 13.41
N LEU A 636 -17.11 2.44 13.81
CA LEU A 636 -17.96 1.27 13.86
C LEU A 636 -18.57 1.26 15.26
N GLU A 637 -19.74 1.88 15.38
CA GLU A 637 -20.38 2.05 16.65
C GLU A 637 -21.14 0.82 17.12
N GLU A 638 -22.47 0.79 17.03
CA GLU A 638 -23.25 -0.36 17.54
C GLU A 638 -23.38 -1.40 16.46
N VAL A 639 -23.01 -2.64 16.76
CA VAL A 639 -23.09 -3.75 15.80
C VAL A 639 -24.54 -4.23 15.64
N CYS A 640 -25.05 -4.24 14.39
CA CYS A 640 -26.40 -4.65 13.99
C CYS A 640 -26.46 -6.13 13.75
N VAL A 641 -26.60 -6.90 14.82
CA VAL A 641 -26.57 -8.36 14.84
C VAL A 641 -27.60 -9.03 13.88
N GLU A 642 -28.82 -8.46 13.73
CA GLU A 642 -29.84 -9.04 12.83
C GLU A 642 -29.52 -8.80 11.37
N GLN A 643 -28.71 -7.77 11.09
CA GLN A 643 -28.31 -7.41 9.73
C GLN A 643 -27.03 -8.13 9.32
N CYS A 644 -26.42 -8.88 10.26
CA CYS A 644 -25.17 -9.58 9.99
C CYS A 644 -25.48 -10.93 9.41
N THR A 645 -24.64 -11.39 8.51
CA THR A 645 -24.72 -12.69 7.86
C THR A 645 -23.33 -13.08 7.38
N PHE A 646 -23.29 -14.02 6.44
CA PHE A 646 -22.08 -14.52 5.83
C PHE A 646 -22.40 -14.78 4.38
N MET A 647 -21.37 -14.71 3.52
CA MET A 647 -21.50 -14.94 2.09
C MET A 647 -21.21 -16.40 1.79
N ASP A 648 -21.78 -16.93 0.70
CA ASP A 648 -21.70 -18.35 0.34
C ASP A 648 -20.38 -18.84 -0.31
N SER A 649 -19.49 -17.93 -0.77
CA SER A 649 -18.21 -18.32 -1.37
C SER A 649 -17.35 -19.18 -0.43
N LYS A 650 -16.40 -19.93 -1.00
CA LYS A 650 -15.46 -20.88 -0.37
C LYS A 650 -15.10 -20.60 1.07
N MET A 651 -14.76 -19.34 1.39
CA MET A 651 -14.25 -19.01 2.69
C MET A 651 -15.25 -18.37 3.62
N LYS A 652 -16.56 -18.46 3.28
CA LYS A 652 -17.66 -18.00 4.12
C LYS A 652 -17.37 -16.56 4.65
N PRO A 653 -17.12 -15.52 3.81
CA PRO A 653 -16.82 -14.22 4.38
C PRO A 653 -17.97 -13.70 5.22
N LEU A 654 -17.67 -12.97 6.32
CA LEU A 654 -18.71 -12.41 7.19
C LEU A 654 -19.13 -11.04 6.66
N TRP A 655 -20.43 -10.71 6.87
CA TRP A 655 -21.07 -9.47 6.49
C TRP A 655 -21.45 -8.82 7.82
N ILE A 656 -20.64 -7.90 8.31
CA ILE A 656 -20.91 -7.28 9.61
C ILE A 656 -21.35 -5.83 9.41
N MET A 657 -22.57 -5.53 9.88
CA MET A 657 -23.20 -4.22 9.79
C MET A 657 -23.15 -3.44 11.09
N TYR A 658 -23.05 -2.11 10.95
CA TYR A 658 -22.99 -1.17 12.05
C TYR A 658 -23.95 -0.07 11.83
N SER A 659 -24.26 0.66 12.90
CA SER A 659 -25.09 1.84 12.91
C SER A 659 -24.69 2.74 14.09
N SER A 660 -24.90 4.05 13.93
CA SER A 660 -24.58 5.05 14.93
C SER A 660 -25.71 6.04 14.98
N GLU A 661 -26.25 6.28 16.19
CA GLU A 661 -27.33 7.25 16.45
C GLU A 661 -26.89 8.64 15.96
N GLU A 662 -25.74 9.13 16.49
CA GLU A 662 -25.12 10.42 16.20
C GLU A 662 -24.82 10.68 14.72
N ALA A 663 -24.36 9.67 13.98
CA ALA A 663 -24.01 9.80 12.56
C ALA A 663 -25.21 9.78 11.61
N GLY A 664 -26.32 9.20 12.04
CA GLY A 664 -27.54 9.09 11.25
C GLY A 664 -27.43 8.02 10.20
N SER A 665 -27.69 8.37 8.92
CA SER A 665 -27.60 7.44 7.79
C SER A 665 -26.16 7.14 7.38
N ALA A 666 -25.24 8.12 7.52
CA ALA A 666 -23.81 8.00 7.21
C ALA A 666 -23.09 7.02 8.16
N GLY A 667 -23.76 6.67 9.26
CA GLY A 667 -23.32 5.75 10.29
C GLY A 667 -23.74 4.34 10.00
N ASN A 668 -24.59 4.14 8.97
CA ASN A 668 -25.00 2.80 8.54
C ASN A 668 -23.89 2.36 7.64
N VAL A 669 -22.94 1.58 8.17
CA VAL A 669 -21.74 1.13 7.48
C VAL A 669 -21.54 -0.35 7.65
N GLY A 670 -20.78 -0.95 6.76
CA GLY A 670 -20.50 -2.37 6.87
C GLY A 670 -19.09 -2.76 6.44
N ILE A 671 -18.64 -3.88 6.99
CA ILE A 671 -17.34 -4.45 6.70
C ILE A 671 -17.54 -5.93 6.34
N ILE A 672 -16.72 -6.44 5.44
CA ILE A 672 -16.71 -7.85 5.04
C ILE A 672 -15.42 -8.43 5.60
N PHE A 673 -15.51 -9.40 6.50
CA PHE A 673 -14.36 -10.08 7.08
C PHE A 673 -14.11 -11.37 6.32
N LYS A 674 -12.95 -11.45 5.67
CA LYS A 674 -12.57 -12.67 4.96
C LYS A 674 -11.31 -13.27 5.57
N ASN A 675 -11.33 -14.57 5.73
CA ASN A 675 -10.25 -15.35 6.27
C ASN A 675 -10.00 -16.58 5.34
N GLY A 676 -8.77 -16.77 4.85
CA GLY A 676 -8.43 -17.88 3.98
C GLY A 676 -7.67 -17.57 2.72
N ASP A 677 -7.86 -16.35 2.16
CA ASP A 677 -7.19 -15.90 0.93
C ASP A 677 -6.21 -14.77 1.19
N ASP A 678 -5.17 -14.68 0.34
CA ASP A 678 -4.17 -13.60 0.38
C ASP A 678 -4.81 -12.38 -0.31
N LEU A 679 -5.07 -11.30 0.46
CA LEU A 679 -5.73 -10.09 -0.01
C LEU A 679 -4.78 -8.96 -0.43
N ARG A 680 -3.46 -9.24 -0.49
CA ARG A 680 -2.44 -8.24 -0.85
C ARG A 680 -2.61 -7.65 -2.26
N GLN A 681 -2.75 -8.53 -3.28
CA GLN A 681 -2.96 -8.21 -4.69
C GLN A 681 -4.26 -7.45 -4.91
N ASP A 682 -5.29 -7.76 -4.13
CA ASP A 682 -6.59 -7.09 -4.18
C ASP A 682 -6.38 -5.65 -3.77
N MET A 683 -5.78 -5.43 -2.58
CA MET A 683 -5.43 -4.10 -2.06
C MET A 683 -4.63 -3.30 -3.11
N LEU A 684 -3.53 -3.87 -3.65
CA LEU A 684 -2.70 -3.22 -4.67
C LEU A 684 -3.49 -2.75 -5.89
N THR A 685 -4.31 -3.65 -6.46
CA THR A 685 -5.16 -3.40 -7.64
C THR A 685 -6.17 -2.30 -7.35
N LEU A 686 -6.76 -2.31 -6.16
CA LEU A 686 -7.72 -1.28 -5.78
C LEU A 686 -7.10 0.05 -5.57
N GLN A 687 -5.88 0.07 -4.98
CA GLN A 687 -5.06 1.28 -4.75
C GLN A 687 -4.60 1.88 -6.08
N MET A 688 -4.27 1.01 -7.09
CA MET A 688 -3.89 1.42 -8.43
C MET A 688 -5.09 2.01 -9.17
N ILE A 689 -6.32 1.46 -8.98
CA ILE A 689 -7.56 2.00 -9.57
C ILE A 689 -7.86 3.37 -8.90
N GLN A 690 -7.75 3.45 -7.56
CA GLN A 690 -7.94 4.68 -6.76
C GLN A 690 -6.98 5.80 -7.19
N LEU A 691 -5.71 5.44 -7.52
CA LEU A 691 -4.70 6.36 -8.05
C LEU A 691 -5.14 6.88 -9.42
N MET A 692 -5.64 5.98 -10.32
CA MET A 692 -6.17 6.32 -11.65
C MET A 692 -7.29 7.34 -11.50
N ASP A 693 -8.22 7.13 -10.55
CA ASP A 693 -9.35 8.01 -10.24
C ASP A 693 -8.85 9.41 -9.81
N VAL A 694 -7.69 9.45 -9.08
CA VAL A 694 -7.06 10.68 -8.61
C VAL A 694 -6.46 11.44 -9.82
N LEU A 695 -5.76 10.73 -10.72
CA LEU A 695 -5.13 11.33 -11.90
C LEU A 695 -6.15 11.81 -12.91
N TRP A 696 -7.36 11.22 -12.89
CA TRP A 696 -8.47 11.59 -13.75
C TRP A 696 -9.18 12.83 -13.17
N LYS A 697 -9.43 12.84 -11.84
CA LYS A 697 -10.07 13.92 -11.11
C LYS A 697 -9.26 15.20 -11.11
N GLN A 698 -7.92 15.07 -11.12
CA GLN A 698 -6.98 16.22 -11.18
C GLN A 698 -7.13 16.92 -12.56
N GLU A 699 -7.42 16.14 -13.61
CA GLU A 699 -7.63 16.65 -14.97
C GLU A 699 -9.12 17.00 -15.26
N GLY A 700 -9.97 16.99 -14.23
CA GLY A 700 -11.37 17.35 -14.34
C GLY A 700 -12.31 16.25 -14.81
N LEU A 701 -11.87 14.98 -14.70
CA LEU A 701 -12.67 13.83 -15.11
C LEU A 701 -13.07 12.93 -13.91
N ASP A 702 -14.34 12.92 -13.56
CA ASP A 702 -14.91 12.07 -12.51
C ASP A 702 -15.63 10.91 -13.18
N LEU A 703 -14.90 9.80 -13.42
CA LEU A 703 -15.46 8.61 -14.07
C LEU A 703 -16.31 7.74 -13.13
N ARG A 704 -16.85 8.34 -12.06
CA ARG A 704 -17.78 7.75 -11.08
C ARG A 704 -17.33 6.36 -10.53
N MET A 705 -16.05 6.27 -10.15
CA MET A 705 -15.38 5.04 -9.66
C MET A 705 -15.72 4.68 -8.23
N THR A 706 -15.68 3.37 -7.91
CA THR A 706 -15.98 2.88 -6.56
C THR A 706 -14.69 2.31 -5.94
N PRO A 707 -13.78 3.15 -5.40
CA PRO A 707 -12.53 2.60 -4.86
C PRO A 707 -12.76 2.17 -3.41
N TYR A 708 -13.54 1.08 -3.22
CA TYR A 708 -13.89 0.54 -1.90
C TYR A 708 -12.63 0.00 -1.20
N GLY A 709 -12.58 0.17 0.10
CA GLY A 709 -11.44 -0.28 0.89
C GLY A 709 -11.20 -1.78 0.88
N CYS A 710 -9.93 -2.17 1.01
CA CYS A 710 -9.49 -3.57 1.10
C CYS A 710 -8.18 -3.59 1.87
N LEU A 711 -8.17 -4.27 3.02
CA LEU A 711 -7.02 -4.28 3.89
C LEU A 711 -6.67 -5.61 4.54
N PRO A 712 -5.47 -6.18 4.20
CA PRO A 712 -4.96 -7.34 4.93
C PRO A 712 -4.67 -6.88 6.36
N THR A 713 -5.07 -7.69 7.36
CA THR A 713 -4.88 -7.39 8.78
C THR A 713 -4.01 -8.45 9.44
N GLY A 714 -3.94 -9.62 8.84
CA GLY A 714 -3.15 -10.73 9.37
C GLY A 714 -2.85 -11.78 8.36
N ASP A 715 -2.56 -13.01 8.84
CA ASP A 715 -2.27 -14.16 8.00
C ASP A 715 -3.52 -14.57 7.23
N ARG A 716 -3.47 -14.44 5.89
CA ARG A 716 -4.58 -14.74 4.99
C ARG A 716 -5.90 -14.19 5.56
N THR A 717 -5.85 -12.94 6.09
CA THR A 717 -6.97 -12.28 6.72
C THR A 717 -7.05 -10.83 6.29
N GLY A 718 -8.26 -10.39 5.97
CA GLY A 718 -8.51 -9.01 5.61
C GLY A 718 -9.93 -8.55 5.78
N LEU A 719 -10.15 -7.26 5.51
CA LEU A 719 -11.42 -6.59 5.54
C LEU A 719 -11.61 -5.97 4.17
N ILE A 720 -12.86 -5.92 3.73
CA ILE A 720 -13.34 -5.29 2.52
C ILE A 720 -14.45 -4.37 2.99
N GLU A 721 -14.62 -3.25 2.34
CA GLU A 721 -15.66 -2.30 2.66
C GLU A 721 -16.95 -2.62 1.92
N VAL A 722 -18.05 -2.74 2.68
CA VAL A 722 -19.37 -2.96 2.11
C VAL A 722 -19.73 -1.68 1.33
N VAL A 723 -20.03 -1.83 0.03
CA VAL A 723 -20.52 -0.74 -0.81
C VAL A 723 -22.00 -0.98 -0.69
N LEU A 724 -22.71 -0.07 -0.02
CA LEU A 724 -24.15 -0.16 0.24
C LEU A 724 -24.97 0.06 -1.02
N HIS A 725 -26.07 -0.70 -1.14
CA HIS A 725 -27.06 -0.62 -2.20
C HIS A 725 -26.50 -1.08 -3.53
N SER A 726 -25.82 -2.25 -3.50
CA SER A 726 -25.21 -2.85 -4.68
C SER A 726 -25.55 -4.35 -4.82
N ASP A 727 -25.23 -4.91 -5.98
CA ASP A 727 -25.49 -6.31 -6.32
C ASP A 727 -24.67 -6.65 -7.53
N THR A 728 -24.38 -7.94 -7.70
CA THR A 728 -23.60 -8.43 -8.85
C THR A 728 -24.49 -8.44 -10.09
N ILE A 729 -23.88 -8.37 -11.30
CA ILE A 729 -24.54 -8.49 -12.60
C ILE A 729 -25.30 -9.83 -12.61
N ALA A 730 -24.63 -10.92 -12.20
CA ALA A 730 -25.17 -12.29 -12.09
C ALA A 730 -26.52 -12.32 -11.40
N ASN A 731 -26.61 -11.79 -10.16
CA ASN A 731 -27.85 -11.76 -9.37
C ASN A 731 -29.01 -11.04 -10.06
N ILE A 732 -28.74 -9.86 -10.64
CA ILE A 732 -29.71 -9.04 -11.37
C ILE A 732 -30.24 -9.81 -12.60
N GLN A 733 -29.32 -10.50 -13.29
CA GLN A 733 -29.58 -11.26 -14.50
C GLN A 733 -30.28 -12.60 -14.29
N LEU A 734 -30.36 -13.11 -13.02
CA LEU A 734 -31.08 -14.36 -12.69
C LEU A 734 -32.56 -14.23 -13.10
N ASN A 735 -33.05 -12.98 -13.19
CA ASN A 735 -34.38 -12.55 -13.63
C ASN A 735 -35.56 -13.26 -12.91
N LYS A 736 -35.64 -13.12 -11.58
CA LYS A 736 -36.69 -13.76 -10.78
C LYS A 736 -38.06 -13.06 -10.93
N SER A 737 -39.15 -13.85 -10.79
CA SER A 737 -40.53 -13.38 -10.92
C SER A 737 -41.01 -12.60 -9.69
N ASN A 738 -42.17 -11.90 -9.81
CA ASN A 738 -42.82 -11.07 -8.78
C ASN A 738 -41.89 -9.93 -8.27
N MET A 739 -40.95 -9.50 -9.13
CA MET A 739 -39.97 -8.45 -8.86
C MET A 739 -40.21 -7.30 -9.85
N ALA A 740 -39.64 -6.11 -9.55
CA ALA A 740 -39.81 -4.93 -10.41
C ALA A 740 -38.88 -4.94 -11.67
N ALA A 741 -37.87 -5.83 -11.68
CA ALA A 741 -36.89 -5.99 -12.76
C ALA A 741 -37.18 -7.20 -13.72
N THR A 742 -38.46 -7.63 -13.78
CA THR A 742 -38.95 -8.73 -14.62
C THR A 742 -38.82 -8.32 -16.10
N ALA A 743 -37.93 -9.03 -16.83
CA ALA A 743 -37.63 -8.76 -18.24
C ALA A 743 -38.19 -9.80 -19.21
N ALA A 744 -38.58 -9.35 -20.39
CA ALA A 744 -39.11 -10.19 -21.47
C ALA A 744 -37.95 -10.91 -22.19
N PHE A 745 -36.75 -10.29 -22.16
CA PHE A 745 -35.48 -10.75 -22.75
C PHE A 745 -34.39 -10.51 -21.71
N ASN A 746 -33.48 -11.49 -21.52
CA ASN A 746 -32.36 -11.43 -20.56
C ASN A 746 -31.52 -10.13 -20.66
N LYS A 747 -31.37 -9.54 -21.86
CA LYS A 747 -30.64 -8.28 -22.11
C LYS A 747 -31.22 -7.06 -21.34
N ASP A 748 -32.55 -7.01 -21.17
CA ASP A 748 -33.29 -5.92 -20.52
C ASP A 748 -33.21 -5.96 -19.00
N ALA A 749 -32.79 -7.11 -18.40
CA ALA A 749 -32.72 -7.28 -16.95
C ALA A 749 -31.94 -6.15 -16.22
N LEU A 750 -30.73 -5.80 -16.70
CA LEU A 750 -29.89 -4.74 -16.15
C LEU A 750 -30.60 -3.38 -16.23
N LEU A 751 -31.10 -2.99 -17.44
CA LEU A 751 -31.84 -1.72 -17.67
C LEU A 751 -33.15 -1.66 -16.88
N ASN A 752 -33.83 -2.80 -16.67
CA ASN A 752 -35.09 -2.84 -15.89
C ASN A 752 -34.73 -2.64 -14.43
N TRP A 753 -33.61 -3.25 -13.98
CA TRP A 753 -33.12 -3.10 -12.61
C TRP A 753 -32.83 -1.63 -12.29
N LEU A 754 -32.15 -0.91 -13.21
CA LEU A 754 -31.86 0.51 -13.05
C LEU A 754 -33.14 1.33 -12.91
N LYS A 755 -34.12 1.16 -13.84
CA LYS A 755 -35.45 1.81 -13.88
C LYS A 755 -36.21 1.68 -12.57
N SER A 756 -36.21 0.47 -11.98
CA SER A 756 -36.89 0.14 -10.72
C SER A 756 -36.31 0.85 -9.49
N LYS A 757 -35.00 1.18 -9.54
CA LYS A 757 -34.26 1.83 -8.46
C LYS A 757 -34.18 3.32 -8.65
N ASN A 758 -34.35 3.77 -9.90
CA ASN A 758 -34.32 5.17 -10.31
C ASN A 758 -35.62 5.51 -11.08
N PRO A 759 -36.74 5.77 -10.37
CA PRO A 759 -38.00 6.05 -11.09
C PRO A 759 -38.08 7.44 -11.71
N GLY A 760 -38.80 7.53 -12.83
CA GLY A 760 -39.04 8.77 -13.56
C GLY A 760 -37.81 9.42 -14.17
N GLU A 761 -37.63 10.71 -13.91
CA GLU A 761 -36.51 11.50 -14.43
C GLU A 761 -35.17 11.16 -13.76
N ALA A 762 -35.21 10.37 -12.66
CA ALA A 762 -34.01 9.95 -11.95
C ALA A 762 -33.19 8.89 -12.72
N LEU A 763 -33.81 8.20 -13.72
CA LEU A 763 -33.20 7.15 -14.53
C LEU A 763 -32.05 7.62 -15.44
N ASP A 764 -32.21 8.80 -16.08
CA ASP A 764 -31.24 9.37 -17.03
C ASP A 764 -29.87 9.60 -16.42
N ARG A 765 -29.81 9.96 -15.11
CA ARG A 765 -28.55 10.15 -14.39
C ARG A 765 -27.84 8.83 -14.13
N ALA A 766 -28.59 7.78 -13.79
CA ALA A 766 -28.03 6.45 -13.54
C ALA A 766 -27.44 5.86 -14.83
N ILE A 767 -27.96 6.26 -16.00
CA ILE A 767 -27.43 5.80 -17.29
C ILE A 767 -26.08 6.48 -17.53
N GLU A 768 -25.93 7.75 -17.10
CA GLU A 768 -24.66 8.50 -17.21
C GLU A 768 -23.64 7.90 -16.22
N GLU A 769 -24.06 7.69 -14.97
CA GLU A 769 -23.26 7.07 -13.90
C GLU A 769 -22.67 5.74 -14.38
N PHE A 770 -23.53 4.89 -15.00
CA PHE A 770 -23.17 3.59 -15.55
C PHE A 770 -22.13 3.74 -16.64
N THR A 771 -22.38 4.66 -17.61
CA THR A 771 -21.53 4.97 -18.78
C THR A 771 -20.12 5.38 -18.36
N LEU A 772 -19.99 6.36 -17.43
CA LEU A 772 -18.71 6.88 -16.89
C LEU A 772 -17.91 5.78 -16.14
N SER A 773 -18.57 5.08 -15.19
CA SER A 773 -17.97 3.98 -14.43
C SER A 773 -17.52 2.83 -15.32
N CYS A 774 -18.33 2.52 -16.34
CA CYS A 774 -18.03 1.50 -17.33
C CYS A 774 -16.74 1.82 -18.08
N ALA A 775 -16.58 3.09 -18.52
CA ALA A 775 -15.42 3.57 -19.26
C ALA A 775 -14.15 3.50 -18.43
N GLY A 776 -14.25 3.91 -17.16
CA GLY A 776 -13.15 3.91 -16.20
C GLY A 776 -12.68 2.52 -15.86
N TYR A 777 -13.62 1.59 -15.72
CA TYR A 777 -13.28 0.20 -15.42
C TYR A 777 -12.86 -0.59 -16.68
N CYS A 778 -13.29 -0.15 -17.87
CA CYS A 778 -12.87 -0.76 -19.12
C CYS A 778 -11.38 -0.41 -19.33
N VAL A 779 -10.98 0.83 -18.98
CA VAL A 779 -9.58 1.27 -19.10
C VAL A 779 -8.71 0.62 -18.02
N ALA A 780 -9.14 0.72 -16.74
CA ALA A 780 -8.45 0.15 -15.60
C ALA A 780 -8.18 -1.33 -15.79
N THR A 781 -9.19 -2.11 -16.23
CA THR A 781 -9.04 -3.56 -16.41
C THR A 781 -8.14 -3.86 -17.61
N TYR A 782 -8.27 -3.15 -18.75
CA TYR A 782 -7.37 -3.35 -19.91
C TYR A 782 -5.89 -3.04 -19.59
N VAL A 783 -5.64 -1.89 -18.93
CA VAL A 783 -4.33 -1.39 -18.49
C VAL A 783 -3.68 -2.34 -17.45
N LEU A 784 -4.48 -2.78 -16.45
CA LEU A 784 -3.97 -3.66 -15.39
C LEU A 784 -4.02 -5.15 -15.71
N GLY A 785 -4.57 -5.53 -16.86
CA GLY A 785 -4.68 -6.91 -17.30
C GLY A 785 -5.57 -7.78 -16.44
N ILE A 786 -6.70 -7.22 -15.97
CA ILE A 786 -7.62 -7.98 -15.14
C ILE A 786 -8.46 -8.92 -16.01
N GLY A 787 -8.03 -10.18 -16.04
CA GLY A 787 -8.66 -11.25 -16.79
C GLY A 787 -9.58 -12.08 -15.91
N ASP A 788 -10.29 -13.04 -16.52
CA ASP A 788 -11.26 -13.92 -15.88
C ASP A 788 -12.41 -13.07 -15.26
N ARG A 789 -13.12 -12.37 -16.14
CA ARG A 789 -14.24 -11.49 -15.83
C ARG A 789 -15.54 -12.19 -16.21
N HIS A 790 -16.43 -12.32 -15.23
CA HIS A 790 -17.74 -12.94 -15.35
C HIS A 790 -18.77 -12.17 -14.51
N SER A 791 -20.06 -12.34 -14.82
CA SER A 791 -21.18 -11.63 -14.19
C SER A 791 -21.18 -11.60 -12.63
N ASP A 792 -20.55 -12.59 -11.97
CA ASP A 792 -20.51 -12.63 -10.50
C ASP A 792 -19.27 -11.94 -9.90
N ASN A 793 -18.45 -11.25 -10.71
CA ASN A 793 -17.36 -10.49 -10.10
C ASN A 793 -17.39 -9.01 -10.54
N ILE A 794 -18.45 -8.60 -11.26
CA ILE A 794 -18.75 -7.22 -11.68
C ILE A 794 -20.00 -6.81 -10.88
N MET A 795 -19.95 -5.67 -10.18
CA MET A 795 -21.05 -5.14 -9.38
C MET A 795 -21.59 -3.80 -9.90
N ILE A 796 -22.87 -3.49 -9.57
CA ILE A 796 -23.57 -2.24 -9.92
C ILE A 796 -24.25 -1.72 -8.67
N ARG A 797 -24.19 -0.39 -8.45
CA ARG A 797 -24.84 0.34 -7.36
C ARG A 797 -26.24 0.73 -7.87
N GLU A 798 -27.23 0.92 -6.96
CA GLU A 798 -28.60 1.28 -7.32
C GLU A 798 -28.64 2.64 -8.01
N SER A 799 -27.51 3.38 -7.91
CA SER A 799 -27.23 4.71 -8.46
C SER A 799 -26.73 4.61 -9.89
N GLY A 800 -26.57 3.38 -10.36
CA GLY A 800 -26.12 3.08 -11.71
C GLY A 800 -24.67 2.71 -11.87
N GLN A 801 -23.81 3.09 -10.91
CA GLN A 801 -22.36 2.89 -10.93
C GLN A 801 -21.88 1.42 -10.98
N LEU A 802 -21.09 1.11 -12.02
CA LEU A 802 -20.47 -0.19 -12.26
C LEU A 802 -19.13 -0.19 -11.52
N PHE A 803 -18.68 -1.38 -11.08
CA PHE A 803 -17.39 -1.59 -10.41
C PHE A 803 -17.02 -3.06 -10.36
N HIS A 804 -15.72 -3.37 -10.26
CA HIS A 804 -15.24 -4.74 -10.23
C HIS A 804 -14.88 -5.22 -8.81
N ILE A 805 -15.03 -6.51 -8.55
CA ILE A 805 -14.66 -7.19 -7.31
C ILE A 805 -13.81 -8.40 -7.71
N ASP A 806 -13.21 -9.10 -6.74
CA ASP A 806 -12.34 -10.27 -6.93
C ASP A 806 -11.19 -10.06 -7.92
N PHE A 807 -10.10 -9.39 -7.47
CA PHE A 807 -8.94 -9.15 -8.34
C PHE A 807 -7.82 -10.16 -8.05
N GLY A 808 -8.18 -11.45 -8.07
CA GLY A 808 -7.26 -12.55 -7.82
C GLY A 808 -6.21 -12.78 -8.90
N HIS A 809 -6.41 -12.14 -10.08
CA HIS A 809 -5.53 -12.23 -11.24
C HIS A 809 -5.40 -10.88 -11.93
N PHE A 810 -4.15 -10.48 -12.23
CA PHE A 810 -3.83 -9.21 -12.90
C PHE A 810 -2.59 -9.36 -13.78
N LEU A 811 -2.17 -8.27 -14.44
CA LEU A 811 -1.01 -8.16 -15.34
C LEU A 811 -0.99 -9.23 -16.46
N GLY A 812 -2.18 -9.71 -16.85
CA GLY A 812 -2.34 -10.70 -17.90
C GLY A 812 -2.31 -12.14 -17.46
N ASN A 813 -1.87 -12.40 -16.19
CA ASN A 813 -1.76 -13.74 -15.61
C ASN A 813 -3.12 -14.41 -15.41
N PHE A 814 -3.20 -15.68 -15.82
CA PHE A 814 -4.37 -16.56 -15.85
C PHE A 814 -4.32 -17.59 -14.73
N ARG A 824 -1.77 -11.69 -21.80
CA ARG A 824 -2.11 -10.58 -22.69
C ARG A 824 -3.64 -10.47 -22.85
N VAL A 825 -4.28 -9.72 -21.94
CA VAL A 825 -5.74 -9.58 -21.98
C VAL A 825 -6.13 -8.46 -22.97
N PRO A 826 -7.12 -8.69 -23.86
CA PRO A 826 -7.54 -7.62 -24.78
C PRO A 826 -8.52 -6.67 -24.07
N PHE A 827 -8.90 -5.55 -24.72
CA PHE A 827 -9.89 -4.63 -24.16
C PHE A 827 -11.23 -5.40 -24.13
N ILE A 828 -12.07 -5.11 -23.11
CA ILE A 828 -13.34 -5.82 -22.91
C ILE A 828 -14.54 -4.89 -23.11
N LEU A 829 -15.55 -5.37 -23.85
CA LEU A 829 -16.84 -4.71 -24.11
C LEU A 829 -17.97 -5.76 -24.15
N THR A 830 -18.90 -5.68 -23.19
CA THR A 830 -20.02 -6.61 -23.07
C THR A 830 -21.26 -5.97 -23.66
N TYR A 831 -21.97 -6.73 -24.52
CA TYR A 831 -23.20 -6.27 -25.17
C TYR A 831 -24.23 -5.82 -24.14
N ASP A 832 -24.31 -6.56 -23.04
CA ASP A 832 -25.22 -6.31 -21.93
C ASP A 832 -25.06 -4.89 -21.33
N PHE A 833 -23.85 -4.33 -21.44
CA PHE A 833 -23.52 -2.99 -20.96
C PHE A 833 -23.76 -1.93 -22.06
N VAL A 834 -23.23 -2.15 -23.29
CA VAL A 834 -23.40 -1.28 -24.46
C VAL A 834 -24.90 -0.98 -24.67
N HIS A 835 -25.77 -1.96 -24.30
CA HIS A 835 -27.23 -1.88 -24.38
C HIS A 835 -27.77 -0.78 -23.44
N VAL A 836 -27.26 -0.75 -22.19
CA VAL A 836 -27.59 0.22 -21.13
C VAL A 836 -27.05 1.62 -21.50
N ILE A 837 -25.83 1.67 -22.08
CA ILE A 837 -25.22 2.93 -22.53
C ILE A 837 -26.11 3.57 -23.63
N GLN A 838 -26.69 2.72 -24.51
CA GLN A 838 -27.54 3.14 -25.62
C GLN A 838 -29.01 3.38 -25.21
N GLN A 839 -29.32 3.31 -23.89
CA GLN A 839 -30.64 3.52 -23.28
C GLN A 839 -31.72 2.55 -23.82
N GLY A 840 -31.32 1.30 -24.05
CA GLY A 840 -32.18 0.23 -24.54
C GLY A 840 -32.53 0.34 -26.01
N LYS A 841 -31.58 0.83 -26.82
CA LYS A 841 -31.73 1.01 -28.27
C LYS A 841 -30.70 0.13 -29.00
N THR A 842 -31.08 -0.38 -30.18
CA THR A 842 -30.22 -1.22 -31.03
C THR A 842 -29.11 -0.32 -31.59
N ASN A 843 -29.52 0.85 -32.12
CA ASN A 843 -28.63 1.86 -32.69
C ASN A 843 -28.81 3.15 -31.92
N ASN A 844 -27.69 3.67 -31.39
CA ASN A 844 -27.56 4.93 -30.65
C ASN A 844 -26.07 5.19 -30.64
N SER A 845 -25.59 5.94 -31.64
CA SER A 845 -24.17 6.23 -31.80
C SER A 845 -23.73 7.45 -31.02
N GLU A 846 -24.65 8.41 -30.79
CA GLU A 846 -24.39 9.65 -30.05
C GLU A 846 -23.95 9.37 -28.60
N LYS A 847 -24.57 8.37 -27.95
CA LYS A 847 -24.22 7.97 -26.60
C LYS A 847 -23.07 6.98 -26.61
N PHE A 848 -22.88 6.22 -27.71
CA PHE A 848 -21.76 5.28 -27.81
C PHE A 848 -20.41 5.96 -28.06
N GLU A 849 -20.38 6.98 -28.95
CA GLU A 849 -19.17 7.73 -29.27
C GLU A 849 -18.73 8.63 -28.12
N ARG A 850 -19.68 9.13 -27.30
CA ARG A 850 -19.40 9.90 -26.11
C ARG A 850 -18.78 8.98 -25.06
N PHE A 851 -19.26 7.70 -25.01
CA PHE A 851 -18.71 6.66 -24.15
C PHE A 851 -17.30 6.23 -24.64
N ARG A 852 -17.10 6.14 -25.96
CA ARG A 852 -15.81 5.82 -26.58
C ARG A 852 -14.81 6.96 -26.25
N GLY A 853 -15.31 8.20 -26.23
CA GLY A 853 -14.51 9.38 -25.89
C GLY A 853 -13.99 9.35 -24.46
N TYR A 854 -14.83 8.86 -23.55
CA TYR A 854 -14.50 8.67 -22.14
C TYR A 854 -13.34 7.69 -22.03
N CYS A 855 -13.41 6.54 -22.73
CA CYS A 855 -12.37 5.50 -22.78
C CYS A 855 -11.05 6.03 -23.33
N GLU A 856 -11.12 6.83 -24.41
CA GLU A 856 -9.96 7.43 -25.06
C GLU A 856 -9.29 8.44 -24.14
N ARG A 857 -10.12 9.34 -23.54
CA ARG A 857 -9.67 10.40 -22.63
C ARG A 857 -9.04 9.79 -21.39
N ALA A 858 -9.74 8.84 -20.74
CA ALA A 858 -9.23 8.13 -19.56
C ALA A 858 -7.87 7.50 -19.88
N TYR A 859 -7.77 6.78 -21.03
CA TYR A 859 -6.56 6.10 -21.48
C TYR A 859 -5.35 7.02 -21.61
N THR A 860 -5.51 8.16 -22.34
CA THR A 860 -4.47 9.15 -22.58
C THR A 860 -3.92 9.76 -21.29
N ILE A 861 -4.83 10.12 -20.34
CA ILE A 861 -4.48 10.70 -19.03
C ILE A 861 -3.55 9.73 -18.27
N LEU A 862 -3.82 8.41 -18.29
CA LEU A 862 -3.03 7.39 -17.62
C LEU A 862 -1.64 7.24 -18.18
N ARG A 863 -1.51 7.35 -19.52
CA ARG A 863 -0.26 7.25 -20.27
C ARG A 863 0.73 8.35 -19.92
N ARG A 864 0.23 9.54 -19.52
CA ARG A 864 1.07 10.69 -19.15
C ARG A 864 1.73 10.47 -17.78
N HIS A 865 1.12 9.61 -16.95
CA HIS A 865 1.63 9.27 -15.63
C HIS A 865 2.08 7.82 -15.65
N GLY A 866 2.23 7.26 -16.85
CA GLY A 866 2.66 5.88 -17.09
C GLY A 866 3.88 5.45 -16.31
N LEU A 867 4.85 6.35 -16.19
CA LEU A 867 6.08 6.14 -15.43
C LEU A 867 5.80 6.01 -13.95
N LEU A 868 4.80 6.75 -13.41
CA LEU A 868 4.42 6.68 -11.99
C LEU A 868 3.93 5.27 -11.66
N PHE A 869 3.11 4.67 -12.56
CA PHE A 869 2.64 3.28 -12.44
C PHE A 869 3.82 2.32 -12.59
N LEU A 870 4.80 2.69 -13.43
CA LEU A 870 6.00 1.86 -13.62
C LEU A 870 6.92 1.85 -12.41
N HIS A 871 7.16 2.99 -11.78
CA HIS A 871 8.01 3.05 -10.59
C HIS A 871 7.36 2.37 -9.40
N LEU A 872 6.05 2.61 -9.20
CA LEU A 872 5.26 2.02 -8.13
C LEU A 872 5.14 0.50 -8.23
N PHE A 873 4.86 -0.06 -9.42
CA PHE A 873 4.80 -1.51 -9.61
C PHE A 873 6.19 -2.19 -9.48
N ALA A 874 7.28 -1.44 -9.76
CA ALA A 874 8.67 -1.93 -9.64
C ALA A 874 9.09 -2.02 -8.18
N LEU A 875 8.70 -1.01 -7.37
CA LEU A 875 8.92 -1.02 -5.92
C LEU A 875 8.11 -2.17 -5.28
N MET A 876 6.93 -2.49 -5.87
CA MET A 876 6.02 -3.55 -5.40
C MET A 876 6.54 -4.98 -5.57
N ARG A 877 7.56 -5.21 -6.40
CA ARG A 877 8.17 -6.52 -6.63
C ARG A 877 8.75 -7.12 -5.32
N ALA A 878 9.06 -6.23 -4.34
CA ALA A 878 9.57 -6.55 -3.00
C ALA A 878 8.56 -7.30 -2.13
N ALA A 879 7.27 -7.20 -2.46
CA ALA A 879 6.17 -7.85 -1.73
C ALA A 879 6.18 -9.38 -1.84
N GLY A 880 6.46 -9.90 -3.02
CA GLY A 880 6.46 -11.33 -3.25
C GLY A 880 5.13 -11.82 -3.78
N LEU A 881 4.46 -10.96 -4.58
CA LEU A 881 3.20 -11.31 -5.21
C LEU A 881 3.55 -12.24 -6.38
N PRO A 882 3.13 -13.52 -6.38
CA PRO A 882 3.51 -14.44 -7.47
C PRO A 882 3.25 -13.91 -8.89
N GLU A 883 2.39 -12.88 -9.04
CA GLU A 883 2.07 -12.28 -10.35
C GLU A 883 2.76 -10.91 -10.59
N LEU A 884 3.71 -10.57 -9.72
CA LEU A 884 4.56 -9.39 -9.78
C LEU A 884 5.95 -9.81 -9.24
N SER A 885 6.61 -10.70 -9.99
CA SER A 885 7.89 -11.31 -9.63
C SER A 885 9.06 -10.99 -10.56
N CYS A 886 8.79 -10.48 -11.78
CA CYS A 886 9.83 -10.21 -12.79
C CYS A 886 9.52 -9.06 -13.77
N SER A 887 10.41 -8.91 -14.78
CA SER A 887 10.37 -7.94 -15.86
C SER A 887 9.19 -8.20 -16.81
N LYS A 888 8.84 -9.48 -17.03
CA LYS A 888 7.71 -9.90 -17.90
C LYS A 888 6.34 -9.49 -17.33
N ASP A 889 6.30 -9.09 -16.04
CA ASP A 889 5.09 -8.64 -15.36
C ASP A 889 4.96 -7.10 -15.50
N ILE A 890 6.09 -6.37 -15.31
CA ILE A 890 6.26 -4.92 -15.48
C ILE A 890 6.08 -4.59 -16.97
N GLN A 891 6.44 -5.57 -17.86
CA GLN A 891 6.33 -5.46 -19.31
C GLN A 891 4.88 -5.30 -19.73
N TYR A 892 3.94 -6.14 -19.21
CA TYR A 892 2.52 -6.03 -19.56
C TYR A 892 2.04 -4.55 -19.54
N LEU A 893 2.38 -3.80 -18.44
CA LEU A 893 2.01 -2.39 -18.24
C LEU A 893 2.61 -1.48 -19.31
N LYS A 894 3.89 -1.74 -19.71
CA LYS A 894 4.64 -1.01 -20.73
C LYS A 894 3.97 -1.09 -22.11
N ASP A 895 3.33 -2.24 -22.43
CA ASP A 895 2.60 -2.48 -23.68
C ASP A 895 1.15 -1.99 -23.58
N SER A 896 0.43 -2.33 -22.47
CA SER A 896 -0.95 -1.93 -22.22
C SER A 896 -1.06 -0.41 -22.26
N LEU A 897 -0.03 0.30 -21.79
CA LEU A 897 0.02 1.75 -21.84
C LEU A 897 0.78 2.28 -23.07
N ALA A 898 1.36 1.37 -23.91
CA ALA A 898 2.16 1.73 -25.11
C ALA A 898 3.06 2.93 -24.78
N LEU A 899 3.87 2.79 -23.71
CA LEU A 899 4.67 3.88 -23.16
C LEU A 899 5.88 4.27 -24.04
N GLY A 900 6.30 3.37 -24.94
CA GLY A 900 7.38 3.64 -25.87
C GLY A 900 6.93 4.66 -26.90
N LYS A 901 5.80 4.36 -27.57
CA LYS A 901 5.11 5.13 -28.62
C LYS A 901 4.74 6.57 -28.22
N THR A 902 4.41 7.43 -29.22
CA THR A 902 3.95 8.81 -29.01
C THR A 902 2.45 8.77 -28.72
N GLU A 903 1.87 9.92 -28.27
CA GLU A 903 0.44 10.03 -27.92
C GLU A 903 -0.52 9.67 -29.08
N GLU A 904 -0.17 10.01 -30.33
CA GLU A 904 -1.01 9.68 -31.49
C GLU A 904 -0.89 8.20 -31.91
N GLU A 905 0.34 7.62 -31.87
CA GLU A 905 0.62 6.21 -32.21
C GLU A 905 -0.11 5.24 -31.25
N ALA A 906 -0.08 5.55 -29.94
CA ALA A 906 -0.72 4.79 -28.87
C ALA A 906 -2.26 4.85 -28.94
N LEU A 907 -2.81 6.01 -29.33
CA LEU A 907 -4.26 6.25 -29.47
C LEU A 907 -4.86 5.38 -30.59
N LYS A 908 -4.13 5.21 -31.72
CA LYS A 908 -4.53 4.37 -32.87
C LYS A 908 -4.48 2.90 -32.45
N HIS A 909 -3.40 2.52 -31.70
CA HIS A 909 -3.19 1.18 -31.17
C HIS A 909 -4.34 0.82 -30.23
N PHE A 910 -4.81 1.81 -29.42
CA PHE A 910 -5.95 1.67 -28.52
C PHE A 910 -7.25 1.53 -29.29
N ARG A 911 -7.41 2.27 -30.41
CA ARG A 911 -8.60 2.21 -31.27
C ARG A 911 -8.79 0.80 -31.85
N VAL A 912 -7.68 0.14 -32.24
CA VAL A 912 -7.64 -1.24 -32.75
C VAL A 912 -8.08 -2.21 -31.62
N LYS A 913 -7.66 -1.94 -30.36
CA LYS A 913 -8.01 -2.72 -29.17
C LYS A 913 -9.48 -2.53 -28.78
N PHE A 914 -9.98 -1.27 -28.87
CA PHE A 914 -11.36 -0.90 -28.57
C PHE A 914 -12.32 -1.45 -29.64
N ASN A 915 -11.89 -1.45 -30.94
CA ASN A 915 -12.67 -1.95 -32.07
C ASN A 915 -12.78 -3.47 -32.10
N GLU A 916 -11.71 -4.18 -31.68
CA GLU A 916 -11.68 -5.64 -31.62
C GLU A 916 -12.55 -6.18 -30.47
N ALA A 917 -12.79 -5.35 -29.43
CA ALA A 917 -13.63 -5.67 -28.27
C ALA A 917 -15.10 -5.60 -28.67
N LEU A 918 -15.45 -4.58 -29.49
CA LEU A 918 -16.78 -4.30 -30.04
C LEU A 918 -17.22 -5.42 -31.03
N ARG A 919 -16.28 -5.93 -31.86
CA ARG A 919 -16.55 -7.02 -32.81
C ARG A 919 -16.75 -8.35 -32.07
N GLU A 920 -16.09 -8.51 -30.92
CA GLU A 920 -16.18 -9.69 -30.03
C GLU A 920 -17.49 -9.64 -29.19
N SER A 921 -18.13 -8.46 -29.11
CA SER A 921 -19.38 -8.22 -28.38
C SER A 921 -20.59 -8.79 -29.18
N TRP A 922 -20.74 -10.14 -29.16
CA TRP A 922 -21.75 -10.97 -29.83
C TRP A 922 -21.93 -10.64 -31.32
C1 74K B . -25.18 -10.27 -3.11
C2 74K B . -24.25 -10.01 -1.92
C3 74K B . -23.74 -10.79 -3.14
N6 74K B . -19.59 -4.45 -1.28
C7 74K B . -18.50 -5.16 -1.56
C8 74K B . -18.61 -6.53 -1.93
C11 74K B . -17.47 -7.46 -2.15
C12 74K B . -22.27 -7.01 -1.63
C14 74K B . -23.72 -8.61 -1.77
C19 74K B . -24.15 -10.11 0.59
C20 74K B . -24.33 -10.76 1.81
C21 74K B . -24.77 -12.08 1.84
C22 74K B . -25.08 -12.74 0.65
C24 74K B . -17.49 -8.82 -1.96
N25 74K B . -16.25 -9.34 -2.23
N26 74K B . -15.44 -8.24 -2.57
C27 74K B . -16.14 -7.15 -2.52
N29 74K B . -14.57 -10.96 -2.49
C4 74K B . -20.93 -6.34 -1.60
C5 74K B . -20.79 -4.99 -1.29
N9 74K B . -19.83 -7.07 -1.91
N10 74K B . -17.30 -4.49 -1.51
N13 74K B . -22.44 -8.32 -1.80
N15 74K B . -24.41 -7.45 -1.56
N16 74K B . -23.44 -6.44 -1.48
C17 74K B . -25.86 -7.24 -1.45
C18 74K B . -24.44 -10.77 -0.61
C23 74K B . -24.90 -12.09 -0.57
C28 74K B . -15.85 -10.65 -2.19
O30 74K B . -16.59 -11.59 -1.93
#